data_6LHP
#
_entry.id   6LHP
#
loop_
_entity.id
_entity.type
_entity.pdbx_description
1 polymer 'light chain variable region of Fab 14B10'
2 polymer 'heavy chain variable region of Fab 14B10'
3 polymer 'VP1 protein'
4 polymer 'VP2 protein'
5 polymer 'VP3 protein'
6 polymer 'VP4 protein'
7 non-polymer SPHINGOSINE
#
loop_
_entity_poly.entity_id
_entity_poly.type
_entity_poly.pdbx_seq_one_letter_code
_entity_poly.pdbx_strand_id
1 'polypeptide(L)'
;DIQMTQSSSYLSVSLGGRVTITCKASDHINNWLAWYQQKPGNAPRLLISGATSLETGIPSRFSGSGSGKDYTLSITSLQT
EDVGTYYCQQYWSTPTFGGGTKLEIKR
;
L
2 'polypeptide(L)'
;QVQLQQSGPELVKPGASVKISCKASGYEFSRSWMNWVKQRPGQGLEWIGRIYPGDGDTNYNGKFRDKATLTADKSSSTAY
MQLSRLTSVDSAVYFCARRRGYFDVWGAGTTVTVS
;
H
3 'polypeptide(L)'
;GDPIADMIDQTVNNQVNRSLTALQVLPTAANTEASSHRLGTGVVPALQAAETGASSNASDKNLIETRCVLNHHSTQETAI
GNFFSRAGLVSIITMPTTDTQNTDGYVNWDIDLMGYAQLRRKCELFTYMRFDAEFTFVVAKPNGVLVPQLLQYMYVPPGA
PKPTSRDSFAWQTATNPSVFVKMTDPPAQVSVPFMSPASAYQWFYDGYPTFGEHLQANDLDYGQCPNNMMGTFSIRTVGT
EKSPHSITLRVYMRIKHVRAWIPRPLRNQPYLFKTNPNYKGNDIKCTSTSRDKITTL
;
A
4 'polypeptide(L)'
;SPSAEACGYSDRVAQLTIGNSTITTQEAANIVIAYGEWPEYCPDTDATAVDKPTRPDVSVNRFFTLDTKSWAKDSKGWYW
KFPDVLTEVGVFGQNAQFHYLYRSGFCVHVQCNASKFHQGALLVAVLPEYVLGTIAGGTGNENSHPPYATTQPGQVGAVL
THPYVLDAGIPLSQLTVCPHQWINLRTNNCATIIVPYMNTVPFDSALNHCNFGLLVIPVVPLDFNAGATSEIPITVTIAP
MCAEFAGLRQAVKQ
;
B
5 'polypeptide(L)'
;GIPTELKPGTNQFLTTDDGVSAPILPGFHPTPPIHIPGEVHNLLEICRVETILEVNNLKTNETTPMQRLCFPVSVQSKTG
ELCAAFRADPGRDGPWQSTILGQLCRYYTQWSGSLEVTFMFAGSFMATGKMLIAYTPPGGNVPADRITAMLGTHVIWDFG
LQSSVTLVVPWISNTHYRAHARAGYFDYYTTGIITIWYQTNYVVPIGAPTTAYIVALAAAQDNFTMKLCKDTEDIEQTAN
IQ
;
C
6 'polypeptide(L)' MGSQVSTQRSGSHENSNSASEGSTINYTTINYYKDAYAASAGRQDMSQDPKKFTDPVMDVIHEMAPPLK D
#
loop_
_chem_comp.id
_chem_comp.type
_chem_comp.name
_chem_comp.formula
SPH non-polymer SPHINGOSINE 'C18 H37 N O2'
#
# COMPACT_ATOMS: atom_id res chain seq x y z
N ILE A 2 -30.23 22.67 -21.86
CA ILE A 2 -29.69 23.52 -20.82
C ILE A 2 -29.71 24.97 -21.27
N GLN A 3 -30.30 25.84 -20.45
CA GLN A 3 -30.44 27.25 -20.78
C GLN A 3 -29.63 28.06 -19.79
N MET A 4 -28.77 28.93 -20.30
CA MET A 4 -27.97 29.81 -19.46
C MET A 4 -28.67 31.15 -19.31
N THR A 5 -28.78 31.62 -18.06
CA THR A 5 -29.55 32.84 -17.81
C THR A 5 -28.74 34.10 -18.07
N GLN A 6 -27.67 34.30 -17.29
CA GLN A 6 -26.89 35.54 -17.20
C GLN A 6 -27.83 36.71 -16.93
N SER A 7 -28.43 36.71 -15.73
CA SER A 7 -29.66 37.46 -15.48
C SER A 7 -29.44 38.97 -15.42
N SER A 8 -28.21 39.42 -15.19
CA SER A 8 -27.96 40.84 -15.03
C SER A 8 -27.17 41.39 -16.20
N SER A 9 -27.72 42.40 -16.84
CA SER A 9 -27.00 43.21 -17.83
C SER A 9 -27.00 44.66 -17.36
N TYR A 10 -26.31 45.51 -18.14
CA TYR A 10 -26.22 46.96 -17.93
C TYR A 10 -25.67 47.33 -16.56
N LEU A 11 -24.41 46.99 -16.28
CA LEU A 11 -23.82 47.35 -15.00
C LEU A 11 -23.14 48.70 -15.05
N SER A 12 -22.70 49.16 -13.87
CA SER A 12 -22.14 50.50 -13.70
C SER A 12 -20.80 50.44 -12.96
N VAL A 13 -19.72 50.72 -13.67
CA VAL A 13 -18.38 50.57 -13.12
C VAL A 13 -17.66 51.92 -13.10
N SER A 14 -16.59 52.00 -12.32
CA SER A 14 -15.78 53.20 -12.26
C SER A 14 -14.31 52.83 -12.04
N LEU A 15 -13.58 52.63 -13.16
CA LEU A 15 -12.13 52.71 -13.30
C LEU A 15 -11.30 52.10 -12.17
N GLY A 16 -11.51 50.83 -11.87
CA GLY A 16 -10.86 50.19 -10.75
C GLY A 16 -11.86 49.87 -9.67
N GLY A 17 -13.07 49.54 -10.08
CA GLY A 17 -14.19 49.41 -9.16
C GLY A 17 -14.47 48.03 -8.63
N ARG A 18 -13.74 47.02 -9.12
CA ARG A 18 -13.82 45.63 -8.69
C ARG A 18 -15.25 45.07 -8.87
N VAL A 19 -15.64 44.99 -10.14
CA VAL A 19 -16.97 44.49 -10.48
C VAL A 19 -16.92 42.97 -10.51
N THR A 20 -18.06 42.32 -10.31
CA THR A 20 -18.17 40.89 -10.56
C THR A 20 -19.41 40.64 -11.39
N ILE A 21 -19.35 39.62 -12.25
CA ILE A 21 -20.44 39.26 -13.14
C ILE A 21 -20.86 37.83 -12.83
N THR A 22 -22.17 37.61 -12.70
CA THR A 22 -22.69 36.32 -12.31
C THR A 22 -23.55 35.73 -13.42
N CYS A 23 -23.56 34.41 -13.49
CA CYS A 23 -24.54 33.67 -14.28
C CYS A 23 -24.78 32.33 -13.62
N LYS A 24 -25.94 31.74 -13.94
CA LYS A 24 -26.28 30.43 -13.42
C LYS A 24 -26.91 29.59 -14.51
N ALA A 25 -26.64 28.28 -14.45
CA ALA A 25 -27.22 27.32 -15.37
C ALA A 25 -28.53 26.80 -14.81
N SER A 26 -29.04 25.74 -15.43
CA SER A 26 -30.28 25.13 -14.97
C SER A 26 -30.11 23.67 -14.57
N ASP A 27 -29.23 22.94 -15.23
CA ASP A 27 -29.08 21.54 -14.88
C ASP A 27 -27.66 21.00 -14.65
N HIS A 28 -27.04 21.48 -13.58
CA HIS A 28 -25.74 21.00 -13.14
C HIS A 28 -24.53 20.88 -14.09
N ILE A 29 -24.16 21.93 -14.82
CA ILE A 29 -22.97 21.84 -15.66
C ILE A 29 -21.81 21.62 -14.68
N ASN A 30 -20.93 20.68 -14.98
CA ASN A 30 -19.89 20.34 -14.02
C ASN A 30 -18.60 21.11 -14.30
N ASN A 31 -18.60 22.42 -14.03
CA ASN A 31 -17.46 23.32 -14.15
C ASN A 31 -16.86 23.33 -15.55
N TRP A 32 -17.72 23.38 -16.57
CA TRP A 32 -17.30 23.37 -17.96
C TRP A 32 -17.66 24.65 -18.70
N LEU A 33 -17.33 25.81 -18.14
CA LEU A 33 -17.79 27.10 -18.67
C LEU A 33 -16.64 27.82 -19.38
N ALA A 34 -16.98 28.89 -20.11
CA ALA A 34 -16.02 29.79 -20.73
C ALA A 34 -16.63 31.20 -20.78
N TRP A 35 -15.79 32.23 -20.88
CA TRP A 35 -16.27 33.55 -20.43
C TRP A 35 -16.16 34.70 -21.41
N TYR A 36 -15.51 34.54 -22.57
CA TYR A 36 -15.82 35.25 -23.82
C TYR A 36 -16.04 36.78 -23.82
N GLN A 37 -14.99 37.57 -23.61
CA GLN A 37 -15.07 39.03 -23.78
C GLN A 37 -15.18 39.38 -25.25
N GLN A 38 -16.10 40.28 -25.60
CA GLN A 38 -16.23 40.78 -26.96
C GLN A 38 -16.18 42.30 -26.97
N LYS A 39 -15.36 42.85 -27.86
CA LYS A 39 -15.32 44.28 -28.13
C LYS A 39 -16.27 44.62 -29.27
N PRO A 40 -16.66 45.89 -29.42
CA PRO A 40 -17.54 46.24 -30.55
C PRO A 40 -16.84 46.14 -31.89
N GLY A 41 -17.53 45.51 -32.84
CA GLY A 41 -17.00 45.38 -34.19
C GLY A 41 -15.85 44.40 -34.31
N ASN A 42 -15.80 43.41 -33.43
CA ASN A 42 -14.67 42.49 -33.38
C ASN A 42 -15.18 41.09 -33.06
N ALA A 43 -14.30 40.13 -33.24
CA ALA A 43 -14.56 38.76 -32.83
C ALA A 43 -14.28 38.60 -31.34
N PRO A 44 -15.00 37.71 -30.66
CA PRO A 44 -14.77 37.51 -29.23
C PRO A 44 -13.44 36.82 -28.96
N ARG A 45 -12.98 36.94 -27.72
CA ARG A 45 -11.75 36.34 -27.25
C ARG A 45 -12.09 35.52 -26.01
N LEU A 46 -11.57 34.30 -25.91
CA LEU A 46 -11.91 33.48 -24.75
C LEU A 46 -10.95 33.74 -23.61
N LEU A 47 -11.43 34.50 -22.62
CA LEU A 47 -10.66 34.84 -21.44
C LEU A 47 -10.32 33.64 -20.56
N ILE A 48 -11.29 32.76 -20.37
CA ILE A 48 -11.10 31.60 -19.50
C ILE A 48 -11.70 30.30 -20.01
N SER A 49 -11.09 29.18 -19.61
CA SER A 49 -11.57 27.86 -19.96
C SER A 49 -11.75 27.03 -18.70
N GLY A 50 -12.77 26.19 -18.68
CA GLY A 50 -13.04 25.32 -17.55
C GLY A 50 -13.45 26.01 -16.27
N ALA A 51 -13.85 27.29 -16.34
CA ALA A 51 -14.42 28.12 -15.27
C ALA A 51 -13.39 28.52 -14.20
N THR A 52 -12.14 28.04 -14.35
CA THR A 52 -11.09 28.41 -13.41
C THR A 52 -9.77 28.76 -14.08
N SER A 53 -9.56 28.32 -15.32
CA SER A 53 -8.24 28.36 -15.92
C SER A 53 -8.12 29.49 -16.93
N LEU A 54 -6.96 30.14 -16.93
CA LEU A 54 -6.66 31.28 -17.77
C LEU A 54 -5.93 30.81 -19.03
N GLU A 55 -6.09 31.55 -20.11
CA GLU A 55 -5.27 31.30 -21.29
C GLU A 55 -4.03 32.18 -21.26
N THR A 56 -3.16 31.98 -22.25
CA THR A 56 -1.94 32.76 -22.31
C THR A 56 -2.23 34.16 -22.86
N GLY A 57 -1.45 35.14 -22.40
CA GLY A 57 -1.58 36.50 -22.86
C GLY A 57 -2.64 37.33 -22.17
N ILE A 58 -3.52 36.71 -21.40
CA ILE A 58 -4.58 37.41 -20.67
C ILE A 58 -4.03 37.85 -19.33
N PRO A 59 -4.17 39.12 -18.95
CA PRO A 59 -3.66 39.57 -17.65
C PRO A 59 -4.44 38.95 -16.50
N SER A 60 -3.74 38.73 -15.38
CA SER A 60 -4.29 37.98 -14.26
C SER A 60 -5.03 38.91 -13.27
N ARG A 61 -5.95 39.69 -13.82
CA ARG A 61 -6.95 40.38 -13.03
C ARG A 61 -8.33 39.74 -13.21
N PHE A 62 -8.48 38.88 -14.20
CA PHE A 62 -9.69 38.11 -14.43
C PHE A 62 -9.58 36.80 -13.67
N SER A 63 -10.64 36.45 -12.95
CA SER A 63 -10.67 35.20 -12.22
C SER A 63 -12.12 34.75 -12.09
N GLY A 64 -12.34 33.45 -12.25
CA GLY A 64 -13.68 32.90 -12.24
C GLY A 64 -13.80 31.74 -11.28
N SER A 65 -15.03 31.56 -10.79
CA SER A 65 -15.34 30.45 -9.89
C SER A 65 -16.83 30.20 -9.95
N GLY A 66 -17.25 29.09 -9.34
CA GLY A 66 -18.66 28.78 -9.21
C GLY A 66 -18.88 27.51 -8.41
N SER A 67 -19.78 27.55 -7.43
CA SER A 67 -19.86 26.43 -6.51
C SER A 67 -20.73 25.29 -7.01
N GLY A 68 -22.05 25.47 -7.01
CA GLY A 68 -22.93 24.42 -7.48
C GLY A 68 -23.52 24.66 -8.85
N LYS A 69 -24.15 25.81 -9.00
CA LYS A 69 -24.82 26.21 -10.22
C LYS A 69 -24.57 27.67 -10.56
N ASP A 70 -24.18 28.47 -9.59
CA ASP A 70 -23.99 29.91 -9.76
C ASP A 70 -22.52 30.20 -9.94
N TYR A 71 -22.16 30.72 -11.10
CA TYR A 71 -20.78 30.94 -11.49
C TYR A 71 -20.50 32.44 -11.57
N THR A 72 -19.28 32.82 -11.25
CA THR A 72 -18.91 34.23 -11.18
C THR A 72 -17.70 34.51 -12.06
N LEU A 73 -17.56 35.78 -12.44
CA LEU A 73 -16.38 36.29 -13.11
C LEU A 73 -16.08 37.67 -12.54
N SER A 74 -14.85 37.87 -12.07
CA SER A 74 -14.49 39.09 -11.37
C SER A 74 -13.26 39.74 -12.00
N ILE A 75 -13.32 41.08 -12.07
CA ILE A 75 -12.22 41.91 -12.53
C ILE A 75 -11.83 42.82 -11.36
N THR A 76 -10.55 43.18 -11.28
CA THR A 76 -10.03 43.94 -10.15
C THR A 76 -9.71 45.38 -10.50
N SER A 77 -8.83 45.62 -11.48
CA SER A 77 -8.43 46.96 -11.88
C SER A 77 -9.03 47.24 -13.25
N LEU A 78 -10.03 48.11 -13.31
CA LEU A 78 -10.67 48.42 -14.58
C LEU A 78 -9.78 49.24 -15.51
N GLN A 79 -9.92 48.99 -16.81
CA GLN A 79 -9.14 49.68 -17.83
C GLN A 79 -7.65 49.70 -17.52
N ASP A 82 -10.63 47.44 -20.79
CA ASP A 82 -11.51 46.42 -20.23
C ASP A 82 -12.99 46.80 -20.18
N VAL A 83 -13.50 47.53 -21.14
CA VAL A 83 -14.95 47.72 -21.21
C VAL A 83 -15.47 47.06 -22.48
N GLY A 84 -16.42 46.15 -22.31
CA GLY A 84 -17.00 45.44 -23.42
C GLY A 84 -18.09 44.52 -22.95
N THR A 85 -18.65 43.78 -23.91
CA THR A 85 -19.75 42.87 -23.66
C THR A 85 -19.21 41.49 -23.33
N TYR A 86 -19.72 40.90 -22.25
CA TYR A 86 -19.26 39.61 -21.76
C TYR A 86 -20.36 38.57 -21.87
N TYR A 87 -20.03 37.43 -22.45
CA TYR A 87 -20.95 36.30 -22.56
C TYR A 87 -20.43 35.15 -21.72
N CYS A 88 -21.24 34.11 -21.59
CA CYS A 88 -20.82 32.87 -20.96
C CYS A 88 -21.34 31.72 -21.78
N GLN A 89 -20.62 30.60 -21.76
CA GLN A 89 -20.94 29.47 -22.63
C GLN A 89 -20.59 28.17 -21.94
N GLN A 90 -21.56 27.29 -21.82
CA GLN A 90 -21.35 25.95 -21.31
C GLN A 90 -21.15 24.99 -22.48
N TYR A 91 -20.37 23.95 -22.26
CA TYR A 91 -20.24 22.88 -23.23
C TYR A 91 -20.43 21.55 -22.49
N TRP A 92 -21.67 21.21 -22.17
CA TRP A 92 -21.93 19.95 -21.50
C TRP A 92 -22.81 19.03 -22.31
N SER A 93 -23.85 19.55 -22.96
CA SER A 93 -24.64 18.76 -23.88
C SER A 93 -24.46 19.36 -25.26
N THR A 94 -24.81 20.63 -25.48
CA THR A 94 -24.67 21.31 -26.75
C THR A 94 -24.27 22.74 -26.43
N PRO A 95 -23.50 23.41 -27.28
CA PRO A 95 -23.04 24.77 -26.94
C PRO A 95 -24.18 25.78 -26.97
N THR A 96 -24.50 26.32 -25.80
CA THR A 96 -25.44 27.42 -25.67
C THR A 96 -24.71 28.59 -25.03
N PHE A 97 -25.14 29.80 -25.37
CA PHE A 97 -24.51 31.01 -24.89
C PHE A 97 -25.42 31.71 -23.88
N GLY A 98 -24.90 32.79 -23.31
CA GLY A 98 -25.67 33.63 -22.40
C GLY A 98 -26.26 34.83 -23.11
N GLY A 99 -26.82 35.73 -22.31
CA GLY A 99 -27.43 36.93 -22.83
C GLY A 99 -26.44 38.01 -23.22
N GLY A 100 -25.67 38.47 -22.24
CA GLY A 100 -24.71 39.54 -22.45
C GLY A 100 -24.64 40.43 -21.23
N THR A 101 -23.56 41.23 -21.18
CA THR A 101 -23.34 42.12 -20.05
C THR A 101 -22.58 43.35 -20.56
N LYS A 102 -23.29 44.47 -20.69
CA LYS A 102 -22.65 45.74 -21.05
C LYS A 102 -22.25 46.50 -19.79
N LEU A 103 -21.14 47.21 -19.88
CA LEU A 103 -20.61 47.98 -18.77
C LEU A 103 -20.46 49.46 -19.10
N GLU A 104 -20.28 50.28 -18.07
CA GLU A 104 -20.13 51.72 -18.23
C GLU A 104 -18.84 52.22 -17.60
N GLN B 1 0.60 30.55 -34.45
CA GLN B 1 0.17 31.32 -35.62
C GLN B 1 -0.92 30.57 -36.37
N VAL B 2 -2.13 30.62 -35.82
CA VAL B 2 -3.27 30.01 -36.49
C VAL B 2 -4.10 31.10 -37.15
N GLN B 3 -4.50 30.85 -38.39
CA GLN B 3 -5.18 31.86 -39.19
C GLN B 3 -6.47 31.31 -39.75
N LEU B 4 -7.57 32.01 -39.52
CA LEU B 4 -8.86 31.67 -40.10
C LEU B 4 -9.36 32.88 -40.88
N GLN B 5 -9.56 32.70 -42.18
CA GLN B 5 -9.85 33.79 -43.09
C GLN B 5 -11.16 33.52 -43.81
N GLN B 6 -12.08 34.48 -43.73
CA GLN B 6 -13.39 34.34 -44.35
C GLN B 6 -13.47 35.15 -45.64
N SER B 7 -14.63 35.11 -46.27
CA SER B 7 -14.88 35.78 -47.53
C SER B 7 -15.44 37.18 -47.28
N GLY B 8 -15.96 37.84 -48.31
CA GLY B 8 -16.47 39.17 -48.19
C GLY B 8 -17.97 39.21 -48.08
N PRO B 9 -18.52 40.42 -47.95
CA PRO B 9 -19.95 40.57 -47.70
C PRO B 9 -20.78 40.29 -48.95
N GLU B 10 -22.05 39.96 -48.71
CA GLU B 10 -22.95 39.52 -49.76
C GLU B 10 -24.26 40.29 -49.72
N LEU B 11 -24.80 40.59 -50.90
CA LEU B 11 -26.12 41.16 -51.06
C LEU B 11 -26.94 40.17 -51.87
N VAL B 12 -27.99 39.63 -51.26
CA VAL B 12 -28.71 38.50 -51.82
C VAL B 12 -30.21 38.82 -51.81
N LYS B 13 -30.92 38.31 -52.81
CA LYS B 13 -32.36 38.35 -53.03
C LYS B 13 -33.06 37.39 -52.08
N PRO B 14 -34.21 37.78 -51.52
CA PRO B 14 -34.96 36.84 -50.67
C PRO B 14 -35.54 35.70 -51.49
N GLY B 15 -35.17 34.48 -51.10
CA GLY B 15 -35.55 33.29 -51.82
C GLY B 15 -34.44 32.63 -52.59
N ALA B 16 -33.20 33.08 -52.43
CA ALA B 16 -32.05 32.52 -53.12
C ALA B 16 -31.07 31.95 -52.09
N SER B 17 -29.92 31.52 -52.58
CA SER B 17 -28.91 30.87 -51.75
C SER B 17 -27.62 31.66 -51.78
N VAL B 18 -26.70 31.26 -50.89
CA VAL B 18 -25.41 31.91 -50.72
C VAL B 18 -24.48 30.89 -50.08
N LYS B 19 -23.17 31.01 -50.35
CA LYS B 19 -22.19 30.03 -49.86
C LYS B 19 -21.03 30.78 -49.22
N ILE B 20 -21.03 30.82 -47.88
CA ILE B 20 -19.96 31.44 -47.14
C ILE B 20 -18.81 30.44 -47.01
N SER B 21 -17.57 30.94 -47.09
CA SER B 21 -16.40 30.07 -47.01
C SER B 21 -15.49 30.54 -45.88
N CYS B 22 -14.78 29.58 -45.29
CA CYS B 22 -13.84 29.84 -44.22
C CYS B 22 -12.59 29.01 -44.46
N LYS B 23 -11.44 29.69 -44.59
CA LYS B 23 -10.20 29.05 -44.96
C LYS B 23 -9.23 29.05 -43.78
N ALA B 24 -8.71 27.87 -43.45
CA ALA B 24 -7.79 27.71 -42.35
C ALA B 24 -6.38 27.48 -42.86
N SER B 25 -5.40 28.04 -42.14
CA SER B 25 -4.01 27.93 -42.53
C SER B 25 -3.14 28.13 -41.29
N GLY B 26 -2.08 27.34 -41.19
CA GLY B 26 -1.15 27.43 -40.08
C GLY B 26 -1.15 26.24 -39.15
N TYR B 27 -1.96 25.21 -39.42
CA TYR B 27 -2.08 24.05 -38.55
C TYR B 27 -2.72 22.93 -39.35
N GLU B 28 -2.80 21.76 -38.72
CA GLU B 28 -3.39 20.59 -39.36
C GLU B 28 -4.90 20.77 -39.48
N PHE B 29 -5.39 20.79 -40.73
CA PHE B 29 -6.79 21.13 -40.98
C PHE B 29 -7.71 20.02 -40.51
N SER B 30 -7.30 18.76 -40.69
CA SER B 30 -8.06 17.66 -40.14
C SER B 30 -7.78 17.55 -38.64
N ARG B 31 -8.46 16.58 -38.02
CA ARG B 31 -8.41 16.32 -36.57
C ARG B 31 -8.79 17.53 -35.73
N SER B 32 -9.68 18.39 -36.25
CA SER B 32 -10.16 19.55 -35.53
C SER B 32 -11.53 19.93 -36.06
N TRP B 33 -12.52 19.97 -35.18
CA TRP B 33 -13.86 20.39 -35.60
C TRP B 33 -13.87 21.89 -35.87
N MET B 34 -14.81 22.31 -36.71
CA MET B 34 -14.94 23.71 -37.10
C MET B 34 -16.37 24.16 -36.87
N ASN B 35 -16.55 25.26 -36.15
CA ASN B 35 -17.87 25.69 -35.69
C ASN B 35 -18.30 26.95 -36.41
N TRP B 36 -19.61 27.16 -36.49
CA TRP B 36 -20.19 28.33 -37.11
C TRP B 36 -21.16 29.00 -36.15
N VAL B 37 -20.91 30.28 -35.86
CA VAL B 37 -21.69 31.04 -34.89
C VAL B 37 -22.38 32.19 -35.59
N LYS B 38 -23.66 32.36 -35.28
CA LYS B 38 -24.49 33.43 -35.85
C LYS B 38 -24.74 34.49 -34.79
N GLN B 39 -24.63 35.76 -35.18
CA GLN B 39 -24.89 36.88 -34.28
C GLN B 39 -25.75 37.91 -35.01
N ARG B 40 -27.03 37.96 -34.66
CA ARG B 40 -27.90 38.98 -35.22
C ARG B 40 -27.51 40.33 -34.63
N PRO B 41 -27.51 41.43 -35.44
CA PRO B 41 -26.78 42.67 -35.08
C PRO B 41 -27.09 43.33 -33.75
N GLY B 42 -28.26 43.05 -33.17
CA GLY B 42 -28.62 43.69 -31.91
C GLY B 42 -28.20 42.89 -30.70
N GLN B 43 -28.26 41.57 -30.78
CA GLN B 43 -28.15 40.74 -29.58
C GLN B 43 -27.07 39.67 -29.67
N GLY B 44 -27.12 38.71 -28.76
CA GLY B 44 -26.01 37.81 -28.56
C GLY B 44 -25.92 36.70 -29.61
N LEU B 45 -25.20 35.65 -29.22
CA LEU B 45 -24.70 34.66 -30.15
C LEU B 45 -25.62 33.45 -30.23
N GLU B 46 -25.58 32.76 -31.36
CA GLU B 46 -26.33 31.54 -31.59
C GLU B 46 -25.43 30.55 -32.33
N TRP B 47 -25.51 29.29 -31.92
CA TRP B 47 -24.67 28.24 -32.48
C TRP B 47 -25.42 27.53 -33.62
N ILE B 48 -24.81 27.47 -34.80
CA ILE B 48 -25.46 26.81 -35.93
C ILE B 48 -25.10 25.34 -35.97
N GLY B 49 -23.83 25.01 -36.02
CA GLY B 49 -23.42 23.63 -36.09
C GLY B 49 -21.93 23.50 -36.23
N ARG B 50 -21.48 22.26 -36.38
CA ARG B 50 -20.06 21.96 -36.51
C ARG B 50 -19.83 20.90 -37.57
N ILE B 51 -18.60 20.80 -38.04
CA ILE B 51 -18.20 19.89 -39.11
C ILE B 51 -16.83 19.32 -38.75
N TYR B 52 -16.64 18.03 -39.04
CA TYR B 52 -15.36 17.37 -38.84
C TYR B 52 -14.77 17.06 -40.21
N PRO B 53 -13.72 17.75 -40.63
CA PRO B 53 -13.23 17.57 -42.01
C PRO B 53 -12.46 16.28 -42.23
N GLY B 54 -12.26 15.46 -41.20
CA GLY B 54 -11.55 14.20 -41.39
C GLY B 54 -12.37 13.19 -42.17
N ASP B 55 -13.65 13.07 -41.85
CA ASP B 55 -14.55 12.21 -42.60
C ASP B 55 -15.78 12.92 -43.15
N GLY B 56 -16.38 13.84 -42.41
CA GLY B 56 -17.47 14.65 -42.91
C GLY B 56 -18.76 14.60 -42.14
N ASP B 57 -18.75 14.08 -40.91
CA ASP B 57 -19.98 14.09 -40.13
C ASP B 57 -20.22 15.46 -39.54
N THR B 58 -21.48 15.85 -39.46
CA THR B 58 -21.84 17.17 -39.00
C THR B 58 -23.00 17.11 -38.03
N ASN B 59 -22.96 17.95 -37.00
CA ASN B 59 -24.03 18.10 -36.04
C ASN B 59 -24.63 19.48 -36.21
N TYR B 60 -25.95 19.58 -36.11
CA TYR B 60 -26.63 20.85 -36.30
C TYR B 60 -27.37 21.24 -35.03
N ASN B 61 -27.74 22.50 -34.96
CA ASN B 61 -28.71 22.96 -33.97
C ASN B 61 -30.09 22.50 -34.39
N GLY B 62 -31.05 22.56 -33.45
CA GLY B 62 -32.39 22.10 -33.75
C GLY B 62 -33.13 23.01 -34.72
N LYS B 63 -32.98 24.31 -34.54
CA LYS B 63 -33.72 25.26 -35.38
C LYS B 63 -33.11 25.37 -36.77
N PHE B 64 -31.79 25.32 -36.85
CA PHE B 64 -31.07 25.60 -38.09
C PHE B 64 -30.95 24.37 -38.99
N ARG B 65 -31.61 23.28 -38.65
CA ARG B 65 -31.67 22.15 -39.56
C ARG B 65 -32.55 22.50 -40.75
N ASP B 66 -32.14 22.06 -41.94
CA ASP B 66 -32.78 22.32 -43.23
C ASP B 66 -32.84 23.83 -43.50
N LYS B 67 -31.80 24.51 -43.04
CA LYS B 67 -31.56 25.90 -43.38
C LYS B 67 -30.11 26.05 -43.84
N ALA B 68 -29.22 25.29 -43.20
CA ALA B 68 -27.79 25.38 -43.45
C ALA B 68 -27.23 24.00 -43.79
N THR B 69 -26.23 23.99 -44.68
CA THR B 69 -25.55 22.77 -45.08
C THR B 69 -24.05 22.99 -44.96
N LEU B 70 -23.39 22.13 -44.19
CA LEU B 70 -21.98 22.28 -43.89
C LEU B 70 -21.17 21.28 -44.70
N THR B 71 -20.13 21.78 -45.38
CA THR B 71 -19.26 20.93 -46.19
C THR B 71 -17.83 21.42 -46.02
N ALA B 72 -16.89 20.50 -46.22
CA ALA B 72 -15.49 20.82 -45.99
C ALA B 72 -14.63 20.12 -47.03
N ASP B 73 -13.71 20.88 -47.64
CA ASP B 73 -12.76 20.36 -48.61
C ASP B 73 -11.46 20.12 -47.86
N LYS B 74 -11.03 18.86 -47.78
CA LYS B 74 -9.83 18.53 -47.01
C LYS B 74 -8.57 18.93 -47.75
N SER B 75 -8.64 18.99 -49.08
CA SER B 75 -7.43 19.30 -49.86
C SER B 75 -7.16 20.79 -49.91
N SER B 76 -8.21 21.61 -50.02
CA SER B 76 -8.01 23.05 -50.13
C SER B 76 -7.98 23.74 -48.78
N SER B 77 -8.23 22.98 -47.70
CA SER B 77 -8.35 23.48 -46.33
C SER B 77 -9.37 24.62 -46.24
N THR B 78 -10.60 24.28 -46.62
CA THR B 78 -11.68 25.27 -46.68
C THR B 78 -12.97 24.59 -46.28
N ALA B 79 -13.75 25.26 -45.43
CA ALA B 79 -15.05 24.77 -44.99
C ALA B 79 -16.13 25.73 -45.42
N TYR B 80 -17.14 25.23 -46.11
CA TYR B 80 -18.22 26.04 -46.64
C TYR B 80 -19.49 25.87 -45.83
N MET B 81 -20.34 26.89 -45.88
CA MET B 81 -21.69 26.81 -45.33
C MET B 81 -22.65 27.44 -46.33
N GLN B 82 -23.67 26.69 -46.72
CA GLN B 82 -24.65 27.16 -47.68
C GLN B 82 -26.00 27.34 -47.00
N LEU B 83 -26.56 28.53 -47.13
CA LEU B 83 -27.88 28.85 -46.59
C LEU B 83 -28.88 28.88 -47.72
N SER B 84 -30.06 28.30 -47.48
CA SER B 84 -31.09 28.21 -48.49
C SER B 84 -32.37 28.84 -47.99
N ARG B 85 -33.14 29.40 -48.93
CA ARG B 85 -34.44 30.04 -48.70
C ARG B 85 -34.33 31.18 -47.69
N LEU B 86 -33.58 32.21 -48.08
CA LEU B 86 -33.27 33.30 -47.18
C LEU B 86 -34.45 34.24 -47.03
N THR B 87 -34.67 34.70 -45.79
CA THR B 87 -35.64 35.74 -45.49
C THR B 87 -34.94 36.80 -44.65
N SER B 88 -35.67 37.88 -44.35
CA SER B 88 -35.10 39.04 -43.71
C SER B 88 -34.71 38.81 -42.25
N VAL B 89 -35.06 37.66 -41.67
CA VAL B 89 -34.58 37.31 -40.35
C VAL B 89 -33.09 36.95 -40.42
N ASP B 90 -32.65 36.38 -41.53
CA ASP B 90 -31.28 35.88 -41.61
C ASP B 90 -30.24 36.95 -41.95
N SER B 91 -30.56 38.23 -41.81
CA SER B 91 -29.53 39.25 -41.93
C SER B 91 -28.72 39.31 -40.64
N ALA B 92 -27.49 38.83 -40.70
CA ALA B 92 -26.64 38.76 -39.51
C ALA B 92 -25.18 38.74 -39.95
N VAL B 93 -24.30 38.41 -39.00
CA VAL B 93 -22.88 38.20 -39.27
C VAL B 93 -22.53 36.80 -38.77
N TYR B 94 -21.74 36.07 -39.56
CA TYR B 94 -21.44 34.67 -39.28
C TYR B 94 -19.95 34.51 -39.02
N PHE B 95 -19.61 33.74 -37.99
CA PHE B 95 -18.22 33.56 -37.57
C PHE B 95 -17.78 32.12 -37.83
N CYS B 96 -16.49 31.88 -37.64
CA CYS B 96 -15.87 30.58 -37.88
C CYS B 96 -14.93 30.31 -36.72
N ALA B 97 -15.25 29.32 -35.89
CA ALA B 97 -14.48 29.00 -34.69
C ALA B 97 -13.96 27.57 -34.81
N ARG B 98 -13.02 27.21 -33.93
CA ARG B 98 -12.34 25.92 -34.03
C ARG B 98 -11.90 25.42 -32.66
N ARG B 99 -12.74 24.62 -31.98
CA ARG B 99 -12.16 23.75 -30.97
C ARG B 99 -12.74 22.34 -30.87
N ARG B 100 -14.08 22.23 -30.99
CA ARG B 100 -15.03 21.18 -30.50
C ARG B 100 -15.27 21.35 -28.99
N GLY B 101 -14.47 22.16 -28.35
CA GLY B 101 -14.59 22.45 -26.94
C GLY B 101 -15.15 23.82 -26.71
N TYR B 102 -14.25 24.78 -26.52
CA TYR B 102 -14.59 26.11 -26.05
C TYR B 102 -14.10 27.20 -27.00
N PHE B 103 -13.99 26.89 -28.30
CA PHE B 103 -13.80 27.85 -29.39
C PHE B 103 -12.50 28.66 -29.24
N ASP B 104 -11.38 27.97 -29.47
CA ASP B 104 -10.05 28.57 -29.32
C ASP B 104 -9.85 29.82 -30.18
N VAL B 105 -9.87 29.68 -31.50
CA VAL B 105 -9.54 30.76 -32.41
C VAL B 105 -10.79 31.08 -33.23
N TRP B 106 -11.05 32.36 -33.45
CA TRP B 106 -12.25 32.80 -34.15
C TRP B 106 -11.89 33.41 -35.51
N GLY B 107 -12.86 33.37 -36.41
CA GLY B 107 -12.71 34.02 -37.70
C GLY B 107 -13.01 35.50 -37.64
N ALA B 108 -12.86 36.15 -38.79
CA ALA B 108 -13.07 37.60 -38.84
C ALA B 108 -14.55 37.95 -38.84
N GLY B 109 -15.34 37.24 -39.63
CA GLY B 109 -16.77 37.50 -39.68
C GLY B 109 -17.25 38.01 -41.01
N THR B 110 -18.30 37.39 -41.55
CA THR B 110 -18.85 37.74 -42.85
C THR B 110 -20.25 38.30 -42.67
N THR B 111 -20.48 39.51 -43.15
CA THR B 111 -21.78 40.16 -43.00
C THR B 111 -22.68 39.80 -44.17
N VAL B 112 -23.84 39.25 -43.86
CA VAL B 112 -24.82 38.83 -44.86
C VAL B 112 -26.08 39.65 -44.65
N THR B 113 -26.51 40.35 -45.69
CA THR B 113 -27.77 41.08 -45.68
C THR B 113 -28.63 40.62 -46.85
N VAL B 114 -29.93 40.71 -46.69
CA VAL B 114 -30.89 40.27 -47.69
C VAL B 114 -31.99 41.31 -47.83
N SER B 115 -32.27 41.70 -49.07
CA SER B 115 -33.28 42.72 -49.35
C SER B 115 -33.82 42.59 -50.76
N ASP C 2 -25.65 -42.17 25.79
CA ASP C 2 -26.96 -42.79 25.83
C ASP C 2 -28.04 -42.07 26.68
N PRO C 3 -27.76 -41.61 27.94
CA PRO C 3 -28.82 -40.88 28.64
C PRO C 3 -28.98 -39.46 28.15
N ILE C 4 -27.90 -38.84 27.66
CA ILE C 4 -27.96 -37.51 27.05
C ILE C 4 -27.23 -37.59 25.71
N ALA C 5 -27.95 -37.38 24.61
CA ALA C 5 -27.38 -37.41 23.28
C ALA C 5 -26.63 -36.13 22.92
N ASP C 6 -26.71 -35.11 23.75
CA ASP C 6 -26.02 -33.85 23.49
C ASP C 6 -24.52 -33.98 23.75
N MET C 7 -24.12 -34.82 24.69
CA MET C 7 -22.74 -34.87 25.16
C MET C 7 -21.94 -36.00 24.53
N ILE C 8 -22.30 -36.46 23.34
CA ILE C 8 -21.55 -37.51 22.66
C ILE C 8 -20.87 -36.98 21.40
N ASP C 9 -20.91 -35.66 21.17
CA ASP C 9 -20.22 -34.94 20.09
C ASP C 9 -20.46 -35.47 18.67
N ASN C 17 -14.82 -28.50 9.16
CA ASN C 17 -13.50 -27.88 9.07
C ASN C 17 -12.41 -28.93 8.78
N ARG C 18 -11.36 -28.50 8.09
CA ARG C 18 -10.27 -29.39 7.73
C ARG C 18 -9.01 -28.56 7.52
N SER C 19 -7.88 -29.27 7.39
CA SER C 19 -6.62 -28.63 7.07
C SER C 19 -6.66 -28.10 5.64
N LEU C 20 -6.36 -26.82 5.47
CA LEU C 20 -6.62 -26.16 4.20
C LEU C 20 -5.51 -26.39 3.18
N THR C 21 -4.25 -26.32 3.60
CA THR C 21 -3.13 -26.38 2.67
C THR C 21 -2.20 -27.53 3.03
N ALA C 22 -1.30 -27.84 2.09
CA ALA C 22 -0.30 -28.87 2.26
C ALA C 22 1.04 -28.37 1.74
N LEU C 23 2.12 -28.83 2.37
CA LEU C 23 3.46 -28.35 2.11
C LEU C 23 4.16 -29.27 1.12
N GLN C 24 4.83 -28.68 0.12
CA GLN C 24 5.52 -29.45 -0.90
C GLN C 24 6.83 -28.77 -1.25
N VAL C 25 7.77 -29.57 -1.77
CA VAL C 25 9.14 -29.14 -2.00
C VAL C 25 9.29 -28.73 -3.47
N LEU C 26 9.93 -27.57 -3.68
CA LEU C 26 10.13 -27.00 -5.02
C LEU C 26 11.56 -26.50 -5.12
N PRO C 27 12.45 -27.24 -5.77
CA PRO C 27 13.84 -26.77 -5.90
C PRO C 27 14.00 -25.59 -6.84
N THR C 28 13.43 -25.67 -8.03
CA THR C 28 13.61 -24.65 -9.05
C THR C 28 12.29 -23.93 -9.30
N ALA C 29 12.35 -22.89 -10.14
CA ALA C 29 11.16 -22.16 -10.52
C ALA C 29 10.34 -22.99 -11.51
N ALA C 30 9.09 -22.58 -11.70
CA ALA C 30 8.14 -23.36 -12.49
C ALA C 30 8.38 -23.17 -13.98
N ASN C 31 8.19 -24.24 -14.75
CA ASN C 31 8.33 -24.17 -16.19
C ASN C 31 7.15 -23.45 -16.82
N THR C 32 7.26 -23.17 -18.11
CA THR C 32 6.21 -22.56 -18.89
C THR C 32 5.96 -23.46 -20.08
N GLU C 33 4.70 -23.81 -20.32
CA GLU C 33 4.35 -24.62 -21.48
C GLU C 33 3.57 -23.79 -22.49
N ALA C 34 3.57 -24.27 -23.72
CA ALA C 34 3.05 -23.51 -24.84
C ALA C 34 1.53 -23.42 -24.80
N SER C 35 0.99 -22.44 -25.52
CA SER C 35 -0.44 -22.25 -25.63
C SER C 35 -0.74 -21.61 -26.98
N SER C 36 -2.00 -21.25 -27.19
CA SER C 36 -2.43 -20.63 -28.42
C SER C 36 -3.63 -19.74 -28.12
N HIS C 37 -4.22 -19.19 -29.18
CA HIS C 37 -5.36 -18.30 -29.01
C HIS C 37 -6.61 -19.10 -28.63
N ARG C 38 -7.53 -18.43 -27.95
CA ARG C 38 -8.76 -19.08 -27.50
C ARG C 38 -9.90 -18.08 -27.67
N LEU C 39 -10.67 -18.25 -28.75
CA LEU C 39 -11.82 -17.40 -29.05
C LEU C 39 -13.06 -18.11 -28.52
N GLY C 40 -13.64 -17.59 -27.44
CA GLY C 40 -14.81 -18.24 -26.89
C GLY C 40 -15.35 -17.47 -25.70
N THR C 41 -16.58 -17.82 -25.34
CA THR C 41 -17.29 -17.20 -24.25
C THR C 41 -17.26 -18.09 -23.02
N GLY C 42 -17.85 -17.60 -21.95
CA GLY C 42 -17.97 -18.39 -20.72
C GLY C 42 -16.87 -18.21 -19.70
N VAL C 43 -15.63 -18.48 -20.08
CA VAL C 43 -14.50 -18.45 -19.15
C VAL C 43 -13.77 -17.11 -19.29
N VAL C 44 -13.29 -16.60 -18.16
CA VAL C 44 -12.58 -15.32 -18.09
C VAL C 44 -11.45 -15.44 -17.07
N PRO C 45 -10.23 -15.81 -17.49
CA PRO C 45 -9.13 -15.85 -16.54
C PRO C 45 -8.54 -14.50 -16.21
N ALA C 46 -8.94 -13.43 -16.90
CA ALA C 46 -8.36 -12.11 -16.68
C ALA C 46 -9.14 -11.24 -15.71
N LEU C 47 -10.36 -11.63 -15.35
CA LEU C 47 -11.20 -10.83 -14.46
C LEU C 47 -11.17 -11.46 -13.07
N GLN C 48 -10.57 -10.76 -12.12
CA GLN C 48 -10.55 -11.19 -10.73
C GLN C 48 -11.54 -10.37 -9.92
N ALA C 49 -11.54 -10.61 -8.62
CA ALA C 49 -12.24 -9.76 -7.65
C ALA C 49 -11.33 -9.63 -6.45
N ALA C 50 -10.76 -8.45 -6.25
CA ALA C 50 -9.80 -8.24 -5.17
C ALA C 50 -10.46 -8.11 -3.81
N GLU C 51 -11.79 -8.04 -3.75
CA GLU C 51 -12.48 -7.89 -2.48
C GLU C 51 -12.45 -9.15 -1.64
N THR C 52 -12.17 -10.30 -2.25
CA THR C 52 -12.14 -11.56 -1.52
C THR C 52 -10.88 -11.72 -0.67
N GLY C 53 -9.91 -10.83 -0.80
CA GLY C 53 -8.70 -10.93 0.00
C GLY C 53 -7.73 -11.98 -0.46
N ALA C 54 -7.81 -12.39 -1.73
CA ALA C 54 -6.89 -13.36 -2.29
C ALA C 54 -6.22 -12.75 -3.52
N SER C 55 -5.02 -13.22 -3.82
CA SER C 55 -4.30 -12.69 -4.97
C SER C 55 -4.83 -13.30 -6.26
N SER C 56 -4.43 -12.70 -7.37
CA SER C 56 -4.86 -13.17 -8.67
C SER C 56 -4.13 -14.46 -9.02
N ASN C 57 -4.90 -15.47 -9.44
CA ASN C 57 -4.35 -16.76 -9.78
C ASN C 57 -4.12 -16.92 -11.28
N ALA C 58 -4.19 -15.84 -12.04
CA ALA C 58 -3.95 -15.91 -13.47
C ALA C 58 -2.47 -16.11 -13.75
N SER C 59 -2.18 -16.73 -14.89
CA SER C 59 -0.81 -16.98 -15.32
C SER C 59 -0.58 -16.32 -16.68
N ASP C 60 0.59 -16.58 -17.26
CA ASP C 60 0.90 -15.99 -18.55
C ASP C 60 0.25 -16.73 -19.70
N LYS C 61 0.04 -18.03 -19.56
CA LYS C 61 -0.51 -18.82 -20.65
C LYS C 61 -2.00 -18.59 -20.86
N ASN C 62 -2.68 -17.95 -19.92
CA ASN C 62 -4.09 -17.63 -20.06
C ASN C 62 -4.32 -16.20 -20.53
N LEU C 63 -3.27 -15.40 -20.66
CA LEU C 63 -3.40 -14.02 -21.08
C LEU C 63 -2.86 -13.80 -22.49
N ILE C 64 -1.64 -14.24 -22.78
CA ILE C 64 -1.06 -14.14 -24.11
C ILE C 64 -0.69 -15.53 -24.60
N GLU C 65 -0.16 -15.62 -25.81
CA GLU C 65 0.35 -16.89 -26.33
C GLU C 65 1.81 -17.02 -25.95
N THR C 66 2.17 -18.15 -25.34
CA THR C 66 3.50 -18.37 -24.83
C THR C 66 4.19 -19.48 -25.61
N ARG C 67 5.51 -19.51 -25.49
CA ARG C 67 6.31 -20.63 -25.94
C ARG C 67 6.69 -21.49 -24.74
N CYS C 68 7.20 -22.67 -25.02
CA CYS C 68 7.65 -23.55 -23.96
C CYS C 68 9.09 -23.23 -23.59
N VAL C 69 9.35 -23.01 -22.30
CA VAL C 69 10.71 -22.88 -21.78
C VAL C 69 10.85 -23.80 -20.58
N LEU C 70 12.10 -24.14 -20.26
CA LEU C 70 12.43 -25.01 -19.14
C LEU C 70 13.54 -24.33 -18.36
N ASN C 71 13.19 -23.63 -17.29
CA ASN C 71 14.18 -22.89 -16.54
C ASN C 71 14.69 -23.69 -15.35
N HIS C 72 15.98 -23.54 -15.07
CA HIS C 72 16.62 -24.22 -13.96
C HIS C 72 17.15 -23.21 -12.94
N HIS C 73 16.45 -22.10 -12.78
CA HIS C 73 16.84 -21.11 -11.78
C HIS C 73 16.51 -21.64 -10.39
N SER C 74 17.52 -21.72 -9.53
CA SER C 74 17.33 -22.29 -8.21
C SER C 74 16.74 -21.27 -7.25
N THR C 75 16.03 -21.78 -6.25
CA THR C 75 15.36 -20.93 -5.27
C THR C 75 15.92 -21.18 -3.87
N GLN C 76 17.23 -21.26 -3.73
CA GLN C 76 17.83 -21.49 -2.42
C GLN C 76 18.42 -20.24 -1.80
N GLU C 77 18.71 -19.21 -2.59
CA GLU C 77 19.25 -17.98 -2.06
C GLU C 77 18.24 -17.22 -1.21
N THR C 78 16.95 -17.41 -1.45
CA THR C 78 15.92 -16.67 -0.74
C THR C 78 15.38 -17.39 0.49
N ALA C 79 15.94 -18.54 0.86
CA ALA C 79 15.51 -19.21 2.07
C ALA C 79 15.92 -18.41 3.28
N ILE C 80 15.16 -18.54 4.37
CA ILE C 80 15.44 -17.72 5.55
C ILE C 80 16.66 -18.21 6.30
N GLY C 81 17.13 -19.42 6.02
CA GLY C 81 18.40 -19.85 6.58
C GLY C 81 19.59 -19.13 5.98
N ASN C 82 19.51 -18.77 4.70
CA ASN C 82 20.58 -18.05 4.04
C ASN C 82 20.40 -16.54 4.08
N PHE C 83 19.18 -16.07 4.29
CA PHE C 83 18.94 -14.64 4.40
C PHE C 83 19.48 -14.08 5.71
N PHE C 84 19.63 -14.93 6.73
CA PHE C 84 19.98 -14.49 8.06
C PHE C 84 21.37 -14.90 8.52
N SER C 85 21.94 -15.90 7.85
CA SER C 85 23.23 -16.46 8.20
C SER C 85 24.42 -15.58 7.87
N ARG C 86 24.26 -14.29 8.12
CA ARG C 86 25.33 -13.34 7.88
C ARG C 86 25.49 -12.57 9.17
N ALA C 87 26.74 -12.27 9.54
CA ALA C 87 27.01 -11.53 10.76
C ALA C 87 26.65 -10.06 10.62
N GLY C 88 26.50 -9.37 11.74
CA GLY C 88 26.17 -7.96 11.74
C GLY C 88 26.48 -7.34 13.07
N LEU C 89 26.76 -6.04 13.05
CA LEU C 89 27.17 -5.32 14.25
C LEU C 89 26.00 -5.13 15.19
N VAL C 90 26.19 -5.42 16.47
CA VAL C 90 25.14 -5.24 17.46
C VAL C 90 25.49 -4.23 18.56
N SER C 91 26.77 -4.00 18.84
CA SER C 91 27.16 -3.06 19.89
C SER C 91 28.62 -2.69 19.73
N ILE C 92 28.97 -1.51 20.25
CA ILE C 92 30.36 -1.15 20.54
C ILE C 92 30.44 -0.74 22.00
N ILE C 93 31.56 -1.11 22.64
CA ILE C 93 31.77 -0.90 24.07
C ILE C 93 33.12 -0.22 24.25
N THR C 94 33.15 0.88 24.99
CA THR C 94 34.36 1.66 25.16
C THR C 94 34.66 1.87 26.63
N MET C 95 35.91 1.63 27.03
CA MET C 95 36.32 1.99 28.38
C MET C 95 37.58 2.87 28.34
N PRO C 96 37.43 4.19 28.24
CA PRO C 96 38.57 5.09 28.25
C PRO C 96 39.22 5.20 29.62
N ASN C 102 33.89 2.82 33.56
CA ASN C 102 34.53 3.16 32.28
C ASN C 102 35.95 3.64 32.49
N THR C 103 36.11 4.62 33.39
CA THR C 103 37.42 5.21 33.64
C THR C 103 38.22 4.48 34.70
N ASP C 104 37.76 3.32 35.17
CA ASP C 104 38.44 2.61 36.23
C ASP C 104 38.56 1.12 36.02
N GLY C 105 38.36 0.62 34.80
CA GLY C 105 38.40 -0.81 34.62
C GLY C 105 37.13 -1.36 34.00
N TYR C 106 36.33 -2.05 34.82
CA TYR C 106 35.16 -2.79 34.38
C TYR C 106 34.11 -1.89 33.71
N VAL C 107 33.30 -2.51 32.87
CA VAL C 107 32.16 -1.88 32.21
C VAL C 107 31.02 -2.88 32.19
N ASN C 108 29.87 -2.50 32.75
CA ASN C 108 28.68 -3.33 32.74
C ASN C 108 27.79 -2.91 31.57
N TRP C 109 27.62 -3.78 30.59
CA TRP C 109 26.77 -3.51 29.45
C TRP C 109 25.58 -4.45 29.49
N ASP C 110 24.39 -3.90 29.65
CA ASP C 110 23.17 -4.69 29.60
C ASP C 110 22.92 -5.12 28.16
N ILE C 111 22.38 -6.34 28.00
CA ILE C 111 22.23 -6.91 26.67
C ILE C 111 21.01 -6.31 26.00
N ASP C 112 21.24 -5.68 24.84
CA ASP C 112 20.17 -5.06 24.06
C ASP C 112 20.64 -4.95 22.63
N LEU C 113 20.04 -5.73 21.74
CA LEU C 113 20.56 -5.91 20.39
C LEU C 113 19.78 -5.14 19.33
N MET C 114 18.92 -4.21 19.75
CA MET C 114 18.15 -3.40 18.81
C MET C 114 18.68 -1.98 18.71
N GLY C 115 20.00 -1.82 18.77
CA GLY C 115 20.59 -0.50 18.77
C GLY C 115 21.15 -0.01 17.47
N TYR C 116 21.19 -0.87 16.44
CA TYR C 116 21.78 -0.50 15.16
C TYR C 116 20.79 -0.84 14.05
N ALA C 117 20.59 0.10 13.13
CA ALA C 117 19.45 0.05 12.22
C ALA C 117 19.62 -0.96 11.10
N GLN C 118 20.79 -1.55 10.92
CA GLN C 118 20.96 -2.47 9.80
C GLN C 118 20.40 -3.84 10.12
N LEU C 119 20.75 -4.39 11.28
CA LEU C 119 20.24 -5.70 11.69
C LEU C 119 18.85 -5.61 12.31
N ARG C 120 18.46 -4.45 12.85
CA ARG C 120 17.16 -4.32 13.46
C ARG C 120 16.04 -4.39 12.43
N ARG C 121 16.27 -3.83 11.24
CA ARG C 121 15.23 -3.82 10.22
C ARG C 121 15.02 -5.20 9.60
N LYS C 122 16.05 -6.04 9.58
CA LYS C 122 15.88 -7.38 9.04
C LYS C 122 15.14 -8.28 10.01
N CYS C 123 15.44 -8.17 11.30
CA CYS C 123 14.82 -9.03 12.30
C CYS C 123 13.39 -8.63 12.60
N GLU C 124 13.00 -7.40 12.31
CA GLU C 124 11.65 -6.92 12.57
C GLU C 124 10.72 -7.13 11.38
N LEU C 125 11.10 -7.95 10.42
CA LEU C 125 10.19 -8.33 9.36
C LEU C 125 9.18 -9.37 9.85
N PHE C 126 9.58 -10.19 10.81
CA PHE C 126 8.72 -11.19 11.41
C PHE C 126 8.37 -10.82 12.84
N THR C 127 7.28 -11.40 13.33
CA THR C 127 6.85 -11.12 14.70
C THR C 127 7.58 -12.00 15.71
N TYR C 128 7.53 -13.31 15.50
CA TYR C 128 8.20 -14.26 16.36
C TYR C 128 9.35 -14.91 15.62
N MET C 129 10.44 -15.18 16.35
CA MET C 129 11.62 -15.76 15.73
C MET C 129 12.38 -16.57 16.75
N ARG C 130 12.64 -17.84 16.43
CA ARG C 130 13.34 -18.77 17.30
C ARG C 130 14.62 -19.18 16.59
N PHE C 131 15.77 -18.89 17.19
CA PHE C 131 17.02 -19.08 16.49
C PHE C 131 18.12 -19.45 17.49
N ASP C 132 19.33 -19.43 16.96
CA ASP C 132 20.54 -19.69 17.70
C ASP C 132 21.60 -18.69 17.28
N ALA C 133 22.08 -17.88 18.20
CA ALA C 133 23.17 -16.94 17.93
C ALA C 133 24.60 -17.47 18.07
N GLU C 134 25.50 -16.81 17.34
CA GLU C 134 26.92 -17.05 17.39
C GLU C 134 27.51 -15.66 17.59
N PHE C 135 28.38 -15.46 18.57
CA PHE C 135 28.94 -14.15 18.79
C PHE C 135 30.45 -14.15 18.55
N THR C 136 31.00 -12.97 18.32
CA THR C 136 32.43 -12.78 18.16
C THR C 136 32.80 -11.36 18.55
N PHE C 137 34.00 -11.20 19.10
CA PHE C 137 34.40 -9.97 19.77
C PHE C 137 35.71 -9.48 19.15
N VAL C 138 35.64 -8.37 18.43
CA VAL C 138 36.82 -7.77 17.81
C VAL C 138 37.24 -6.57 18.65
N VAL C 139 38.45 -6.62 19.22
CA VAL C 139 38.90 -5.64 20.20
C VAL C 139 40.20 -5.02 19.73
N ALA C 140 40.29 -3.70 19.85
CA ALA C 140 41.50 -2.96 19.49
C ALA C 140 41.52 -1.65 20.26
N LYS C 141 42.60 -0.90 20.07
CA LYS C 141 42.70 0.45 20.58
C LYS C 141 41.77 1.37 19.79
N PRO C 142 41.45 2.57 20.31
CA PRO C 142 40.53 3.46 19.58
C PRO C 142 41.00 3.94 18.22
N ASN C 143 42.29 3.85 17.90
CA ASN C 143 42.76 4.19 16.57
C ASN C 143 43.11 2.97 15.74
N GLY C 144 42.73 1.78 16.19
CA GLY C 144 42.98 0.57 15.43
C GLY C 144 44.32 -0.06 15.64
N VAL C 145 45.01 0.26 16.74
CA VAL C 145 46.29 -0.33 17.07
C VAL C 145 46.08 -1.56 17.94
N LEU C 146 47.18 -2.28 18.19
CA LEU C 146 47.14 -3.52 18.96
C LEU C 146 48.35 -3.57 19.89
N VAL C 147 48.10 -3.72 21.18
CA VAL C 147 49.15 -3.88 22.19
C VAL C 147 48.87 -5.17 22.96
N PRO C 148 49.88 -5.81 23.56
CA PRO C 148 49.60 -7.00 24.36
C PRO C 148 48.92 -6.65 25.68
N GLN C 149 47.76 -7.25 25.91
CA GLN C 149 46.93 -6.93 27.06
C GLN C 149 45.97 -8.09 27.29
N LEU C 150 45.76 -8.44 28.56
CA LEU C 150 44.90 -9.55 28.93
C LEU C 150 43.54 -9.02 29.36
N LEU C 151 42.47 -9.67 28.91
CA LEU C 151 41.10 -9.23 29.18
C LEU C 151 40.26 -10.41 29.63
N GLN C 152 39.05 -10.11 30.09
CA GLN C 152 38.10 -11.14 30.52
C GLN C 152 36.69 -10.67 30.22
N TYR C 153 35.89 -11.52 29.58
CA TYR C 153 34.50 -11.21 29.25
C TYR C 153 33.63 -12.21 29.99
N MET C 154 32.84 -11.74 30.96
CA MET C 154 31.97 -12.60 31.74
C MET C 154 30.52 -12.34 31.37
N TYR C 155 29.75 -13.41 31.23
CA TYR C 155 28.32 -13.31 30.94
C TYR C 155 27.54 -13.55 32.23
N VAL C 156 26.71 -12.58 32.60
CA VAL C 156 25.97 -12.61 33.85
C VAL C 156 24.51 -12.89 33.53
N PRO C 157 23.97 -14.04 33.91
CA PRO C 157 22.54 -14.31 33.71
C PRO C 157 21.70 -13.42 34.63
N PRO C 158 20.41 -13.23 34.33
CA PRO C 158 19.58 -12.32 35.15
C PRO C 158 19.34 -12.89 36.54
N GLY C 159 19.84 -12.18 37.56
CA GLY C 159 19.76 -12.59 38.93
C GLY C 159 21.11 -12.79 39.59
N ALA C 160 22.13 -13.14 38.80
CA ALA C 160 23.46 -13.37 39.33
C ALA C 160 24.08 -12.06 39.81
N PRO C 161 24.99 -12.10 40.80
CA PRO C 161 25.60 -10.86 41.29
C PRO C 161 26.54 -10.21 40.28
N LYS C 162 26.16 -9.04 39.79
CA LYS C 162 27.00 -8.34 38.84
C LYS C 162 28.19 -7.70 39.53
N PRO C 163 29.33 -7.62 38.86
CA PRO C 163 30.51 -7.03 39.50
C PRO C 163 30.39 -5.52 39.63
N THR C 164 30.97 -4.99 40.69
CA THR C 164 30.89 -3.57 41.00
C THR C 164 32.25 -2.89 41.03
N SER C 165 33.33 -3.63 40.81
CA SER C 165 34.67 -3.05 40.78
C SER C 165 35.55 -3.93 39.92
N ARG C 166 36.79 -3.50 39.75
CA ARG C 166 37.73 -4.26 38.95
C ARG C 166 38.22 -5.50 39.69
N ASP C 167 38.18 -5.49 41.01
CA ASP C 167 38.70 -6.57 41.84
C ASP C 167 37.62 -7.13 42.76
N SER C 168 36.40 -7.25 42.26
CA SER C 168 35.31 -7.76 43.09
C SER C 168 35.40 -9.28 43.22
N PHE C 169 34.52 -9.83 44.05
CA PHE C 169 34.45 -11.27 44.19
C PHE C 169 33.68 -11.94 43.07
N ALA C 170 32.96 -11.17 42.25
CA ALA C 170 32.15 -11.76 41.19
C ALA C 170 32.98 -12.28 40.04
N TRP C 171 34.25 -11.89 39.95
CA TRP C 171 35.13 -12.29 38.88
C TRP C 171 35.77 -13.66 39.12
N GLN C 172 35.40 -14.36 40.18
CA GLN C 172 35.92 -15.69 40.44
C GLN C 172 35.29 -16.75 39.55
N THR C 173 34.17 -16.41 38.88
CA THR C 173 33.45 -17.15 37.83
C THR C 173 33.40 -18.67 38.05
N ALA C 174 32.99 -19.08 39.25
CA ALA C 174 32.91 -20.50 39.55
C ALA C 174 31.75 -21.20 38.85
N THR C 175 30.73 -20.45 38.42
CA THR C 175 29.65 -21.06 37.65
C THR C 175 29.29 -20.26 36.41
N ASN C 176 29.56 -18.96 36.43
CA ASN C 176 29.31 -18.13 35.26
C ASN C 176 30.33 -18.46 34.17
N PRO C 177 29.92 -18.49 32.91
CA PRO C 177 30.89 -18.69 31.83
C PRO C 177 31.65 -17.41 31.54
N SER C 178 32.95 -17.55 31.24
CA SER C 178 33.78 -16.39 30.96
C SER C 178 34.91 -16.81 30.03
N VAL C 179 35.41 -15.84 29.27
CA VAL C 179 36.43 -16.06 28.25
C VAL C 179 37.64 -15.19 28.56
N PHE C 180 38.82 -15.80 28.63
CA PHE C 180 40.07 -15.06 28.75
C PHE C 180 40.75 -15.01 27.40
N VAL C 181 41.03 -13.81 26.92
CA VAL C 181 41.63 -13.65 25.60
C VAL C 181 42.61 -12.48 25.67
N LYS C 182 43.64 -12.54 24.83
CA LYS C 182 44.58 -11.45 24.69
C LYS C 182 44.20 -10.57 23.51
N MET C 183 44.72 -9.35 23.50
CA MET C 183 44.35 -8.40 22.46
C MET C 183 44.98 -8.74 21.12
N THR C 184 46.19 -9.30 21.13
CA THR C 184 46.90 -9.62 19.89
C THR C 184 46.52 -10.99 19.33
N ASP C 185 45.45 -11.60 19.81
CA ASP C 185 44.99 -12.89 19.32
C ASP C 185 43.99 -12.68 18.19
N PRO C 186 43.60 -13.75 17.49
CA PRO C 186 42.39 -13.70 16.67
C PRO C 186 41.16 -13.45 17.52
N PRO C 187 40.08 -12.93 16.94
CA PRO C 187 38.86 -12.68 17.72
C PRO C 187 38.22 -13.96 18.22
N ALA C 188 37.48 -13.82 19.33
CA ALA C 188 36.99 -14.95 20.09
C ALA C 188 35.55 -15.26 19.71
N GLN C 189 35.34 -16.35 18.99
CA GLN C 189 33.99 -16.81 18.66
C GLN C 189 33.47 -17.73 19.75
N VAL C 190 32.14 -17.80 19.84
CA VAL C 190 31.47 -18.61 20.86
C VAL C 190 30.04 -18.82 20.38
N SER C 191 29.38 -19.84 20.92
CA SER C 191 28.06 -20.25 20.46
C SER C 191 27.07 -20.29 21.62
N VAL C 192 25.93 -19.62 21.44
CA VAL C 192 24.94 -19.39 22.49
C VAL C 192 23.60 -20.03 22.10
N PRO C 193 23.00 -20.86 22.93
CA PRO C 193 21.76 -21.55 22.55
C PRO C 193 20.55 -20.65 22.69
N PHE C 194 19.37 -21.24 22.49
CA PHE C 194 18.10 -20.54 22.65
C PHE C 194 17.70 -20.58 24.13
N MET C 195 17.66 -19.43 24.77
CA MET C 195 17.48 -19.41 26.23
C MET C 195 16.33 -18.54 26.70
N SER C 196 15.19 -18.70 26.12
CA SER C 196 14.05 -17.94 26.60
C SER C 196 13.10 -18.86 27.36
N PRO C 197 12.36 -18.33 28.34
CA PRO C 197 11.33 -19.16 28.99
C PRO C 197 10.15 -19.48 28.09
N ALA C 198 9.86 -18.64 27.11
CA ALA C 198 8.76 -18.88 26.20
C ALA C 198 9.21 -19.80 25.08
N SER C 199 8.41 -19.94 24.03
CA SER C 199 8.76 -20.83 22.94
C SER C 199 9.40 -20.12 21.75
N ALA C 200 9.47 -18.79 21.77
CA ALA C 200 10.12 -18.01 20.73
C ALA C 200 10.38 -16.61 21.26
N TYR C 201 11.38 -15.95 20.69
CA TYR C 201 11.57 -14.53 20.93
C TYR C 201 10.49 -13.76 20.20
N GLN C 202 10.17 -12.57 20.71
CA GLN C 202 9.28 -11.68 20.00
C GLN C 202 9.82 -10.27 20.07
N TRP C 203 9.72 -9.55 18.96
CA TRP C 203 10.18 -8.18 18.88
C TRP C 203 9.04 -7.17 19.09
N PHE C 204 7.81 -7.65 19.25
CA PHE C 204 6.66 -6.78 19.43
C PHE C 204 5.76 -7.38 20.49
N TYR C 205 5.68 -6.73 21.65
CA TYR C 205 4.85 -7.19 22.75
C TYR C 205 3.89 -6.08 23.14
N ASP C 206 2.65 -6.18 22.68
CA ASP C 206 1.63 -5.18 22.98
C ASP C 206 1.01 -5.52 24.33
N GLY C 207 1.37 -4.75 25.35
CA GLY C 207 0.84 -5.00 26.67
C GLY C 207 1.81 -4.70 27.78
N TYR C 208 1.32 -4.57 28.99
CA TYR C 208 2.05 -4.24 30.21
C TYR C 208 2.53 -5.51 30.89
N PRO C 209 3.70 -5.50 31.51
CA PRO C 209 4.23 -6.75 32.09
C PRO C 209 3.57 -7.15 33.38
N THR C 210 3.19 -6.20 34.22
CA THR C 210 2.68 -6.48 35.55
C THR C 210 1.18 -6.25 35.61
N PHE C 211 0.61 -6.50 36.78
CA PHE C 211 -0.76 -6.15 37.08
C PHE C 211 -0.79 -4.78 37.76
N GLY C 212 -1.98 -4.31 38.09
CA GLY C 212 -2.12 -3.11 38.91
C GLY C 212 -2.57 -1.91 38.11
N GLU C 213 -2.76 -0.81 38.83
CA GLU C 213 -3.18 0.44 38.23
C GLU C 213 -2.04 1.07 37.45
N HIS C 214 -2.31 1.35 36.18
CA HIS C 214 -1.32 1.93 35.27
C HIS C 214 -1.52 3.44 35.23
N LEU C 215 -0.61 4.17 35.87
CA LEU C 215 -0.71 5.61 36.02
C LEU C 215 0.14 6.30 34.96
N GLN C 216 0.26 7.63 35.09
CA GLN C 216 1.03 8.41 34.13
C GLN C 216 2.52 8.26 34.33
N ALA C 217 2.97 8.06 35.57
CA ALA C 217 4.40 7.91 35.82
C ALA C 217 4.91 6.56 35.34
N ASN C 218 4.08 5.52 35.47
CA ASN C 218 4.47 4.17 35.11
C ASN C 218 4.10 3.80 33.69
N ASP C 219 4.07 4.76 32.77
CA ASP C 219 3.82 4.49 31.37
C ASP C 219 5.07 4.01 30.64
N LEU C 220 6.20 3.90 31.35
CA LEU C 220 7.44 3.44 30.74
C LEU C 220 7.37 1.95 30.41
N ASP C 221 6.55 1.19 31.13
CA ASP C 221 6.52 -0.27 31.01
C ASP C 221 5.74 -0.77 29.80
N TYR C 222 5.15 0.12 29.00
CA TYR C 222 4.34 -0.33 27.88
C TYR C 222 5.23 -0.86 26.77
N GLY C 223 5.14 -2.17 26.51
CA GLY C 223 5.91 -2.77 25.45
C GLY C 223 7.20 -3.42 25.89
N GLN C 224 7.35 -3.77 27.15
CA GLN C 224 8.55 -4.39 27.67
C GLN C 224 8.23 -5.84 28.02
N CYS C 225 8.69 -6.76 27.17
CA CYS C 225 8.49 -8.18 27.42
C CYS C 225 9.63 -8.69 28.29
N PRO C 226 9.35 -9.30 29.44
CA PRO C 226 10.44 -9.81 30.28
C PRO C 226 11.03 -11.11 29.78
N ASN C 227 10.48 -11.71 28.72
CA ASN C 227 11.07 -12.91 28.13
C ASN C 227 12.23 -12.60 27.20
N ASN C 228 12.61 -11.34 27.05
CA ASN C 228 13.75 -10.97 26.23
C ASN C 228 14.89 -10.38 27.05
N MET C 229 14.73 -10.26 28.36
CA MET C 229 15.84 -9.84 29.21
C MET C 229 16.78 -11.02 29.37
N MET C 230 18.05 -10.82 29.04
CA MET C 230 19.05 -11.88 29.08
C MET C 230 20.23 -11.54 29.97
N GLY C 231 20.05 -10.65 30.94
CA GLY C 231 21.13 -10.29 31.83
C GLY C 231 22.09 -9.32 31.19
N THR C 232 23.26 -9.19 31.81
CA THR C 232 24.27 -8.24 31.38
C THR C 232 25.45 -8.97 30.78
N PHE C 233 26.42 -8.19 30.32
CA PHE C 233 27.65 -8.68 29.74
C PHE C 233 28.76 -7.74 30.16
N SER C 234 29.68 -8.21 30.99
CA SER C 234 30.62 -7.35 31.68
C SER C 234 32.05 -7.74 31.30
N ILE C 235 32.87 -6.73 31.00
CA ILE C 235 34.26 -6.92 30.62
C ILE C 235 35.14 -6.18 31.61
N ARG C 236 36.42 -6.56 31.64
CA ARG C 236 37.41 -5.90 32.49
C ARG C 236 38.80 -6.20 31.95
N THR C 237 39.77 -5.43 32.42
CA THR C 237 41.18 -5.78 32.30
C THR C 237 41.57 -6.55 33.54
N VAL C 238 42.46 -7.54 33.39
CA VAL C 238 42.64 -8.55 34.43
C VAL C 238 43.43 -8.01 35.62
N GLY C 239 44.44 -7.18 35.36
CA GLY C 239 45.32 -6.74 36.43
C GLY C 239 44.65 -5.82 37.43
N THR C 240 45.25 -5.74 38.63
CA THR C 240 44.66 -4.97 39.71
C THR C 240 45.11 -3.52 39.74
N GLU C 241 46.14 -3.16 38.97
CA GLU C 241 46.51 -1.77 38.79
C GLU C 241 45.86 -1.24 37.51
N LYS C 242 45.89 0.07 37.34
CA LYS C 242 45.24 0.70 36.20
C LYS C 242 46.08 0.50 34.95
N SER C 243 45.49 -0.10 33.93
CA SER C 243 46.15 -0.28 32.65
C SER C 243 46.23 1.06 31.91
N PRO C 244 47.34 1.33 31.20
CA PRO C 244 47.48 2.63 30.54
C PRO C 244 46.82 2.72 29.17
N HIS C 245 46.04 1.73 28.76
CA HIS C 245 45.51 1.68 27.41
C HIS C 245 44.01 1.91 27.38
N SER C 246 43.55 2.53 26.30
CA SER C 246 42.13 2.63 26.00
C SER C 246 41.73 1.46 25.10
N ILE C 247 40.49 0.99 25.25
CA ILE C 247 40.03 -0.22 24.59
C ILE C 247 38.62 0.02 24.06
N THR C 248 38.42 -0.24 22.78
CA THR C 248 37.08 -0.31 22.19
C THR C 248 36.83 -1.72 21.67
N LEU C 249 35.64 -2.23 21.93
CA LEU C 249 35.27 -3.59 21.58
C LEU C 249 34.05 -3.57 20.68
N ARG C 250 33.96 -4.54 19.77
CA ARG C 250 32.86 -4.63 18.82
C ARG C 250 32.32 -6.05 18.81
N VAL C 251 31.01 -6.19 18.88
CA VAL C 251 30.36 -7.50 18.94
C VAL C 251 29.58 -7.72 17.65
N TYR C 252 29.77 -8.88 17.05
CA TYR C 252 29.06 -9.25 15.82
C TYR C 252 28.26 -10.52 16.09
N MET C 253 27.02 -10.56 15.60
CA MET C 253 26.16 -11.72 15.82
C MET C 253 25.68 -12.42 14.54
N ARG C 254 25.79 -13.74 14.52
CA ARG C 254 25.35 -14.54 13.39
C ARG C 254 24.21 -15.43 13.84
N ILE C 255 23.14 -15.49 13.04
CA ILE C 255 21.97 -16.28 13.39
C ILE C 255 21.88 -17.61 12.66
N LYS C 256 21.69 -18.69 13.43
CA LYS C 256 21.60 -20.04 12.86
C LYS C 256 20.41 -20.84 13.41
N HIS C 257 20.00 -21.83 12.64
CA HIS C 257 18.85 -22.70 12.97
C HIS C 257 17.57 -21.88 13.15
N VAL C 258 17.18 -21.19 12.10
CA VAL C 258 16.17 -20.13 12.20
C VAL C 258 14.79 -20.71 11.96
N ARG C 259 13.81 -20.26 12.73
CA ARG C 259 12.40 -20.46 12.43
C ARG C 259 11.69 -19.14 12.66
N ALA C 260 10.87 -18.71 11.71
CA ALA C 260 10.23 -17.42 11.77
C ALA C 260 8.75 -17.54 11.46
N TRP C 261 7.94 -16.74 12.14
CA TRP C 261 6.49 -16.78 12.01
C TRP C 261 5.93 -15.39 11.78
N ILE C 262 4.79 -15.34 11.10
CA ILE C 262 3.90 -14.18 10.98
C ILE C 262 4.60 -12.93 10.44
N PRO C 263 4.82 -12.82 9.14
CA PRO C 263 5.44 -11.60 8.59
C PRO C 263 4.56 -10.37 8.77
N ARG C 264 5.21 -9.22 8.69
CA ARG C 264 4.56 -7.94 8.97
C ARG C 264 5.22 -6.89 8.08
N PRO C 265 4.61 -5.70 7.95
CA PRO C 265 5.24 -4.64 7.14
C PRO C 265 6.61 -4.20 7.65
N LEU C 266 7.42 -3.70 6.73
CA LEU C 266 8.74 -3.18 7.04
C LEU C 266 8.62 -1.75 7.52
N ARG C 267 9.73 -1.07 7.76
CA ARG C 267 9.73 0.29 8.30
C ARG C 267 10.31 1.26 7.29
N ASN C 268 9.68 2.44 7.18
CA ASN C 268 10.17 3.49 6.32
C ASN C 268 10.64 4.74 7.07
N GLN C 269 10.28 4.89 8.29
CA GLN C 269 10.73 6.02 9.09
C GLN C 269 12.01 5.64 9.84
N PRO C 270 12.92 6.60 10.07
CA PRO C 270 14.13 6.28 10.81
C PRO C 270 13.85 6.07 12.29
N TYR C 271 14.73 5.30 12.92
CA TYR C 271 14.55 4.92 14.32
C TYR C 271 14.95 6.07 15.24
N LEU C 272 14.39 6.06 16.44
CA LEU C 272 14.71 7.09 17.43
C LEU C 272 15.23 6.53 18.74
N PHE C 273 14.64 5.46 19.27
CA PHE C 273 15.05 4.91 20.55
C PHE C 273 15.15 3.40 20.42
N LYS C 274 15.72 2.78 21.45
CA LYS C 274 16.08 1.37 21.39
C LYS C 274 14.96 0.43 21.82
N THR C 275 13.84 0.95 22.32
CA THR C 275 12.83 0.10 22.92
C THR C 275 11.43 0.28 22.35
N ASN C 276 11.15 1.38 21.67
CA ASN C 276 9.78 1.67 21.27
C ASN C 276 9.73 2.15 19.83
N PRO C 277 8.60 1.97 19.14
CA PRO C 277 8.50 2.34 17.73
C PRO C 277 8.26 3.82 17.45
N ASN C 278 8.59 4.70 18.40
CA ASN C 278 8.40 6.13 18.23
C ASN C 278 9.12 6.67 17.00
N TYR C 279 8.54 7.72 16.41
CA TYR C 279 9.04 8.33 15.19
C TYR C 279 8.91 9.83 15.30
N LYS C 280 9.66 10.53 14.45
CA LYS C 280 9.63 11.98 14.45
C LYS C 280 8.41 12.47 13.70
N GLY C 281 7.49 13.13 14.41
CA GLY C 281 6.19 13.47 13.86
C GLY C 281 6.13 14.69 12.99
N ASN C 282 7.20 15.48 12.91
CA ASN C 282 7.17 16.69 12.10
C ASN C 282 7.68 16.46 10.69
N ASP C 283 8.54 15.46 10.49
CA ASP C 283 9.08 15.13 9.18
C ASP C 283 8.62 13.71 8.86
N ILE C 284 7.43 13.60 8.27
CA ILE C 284 6.90 12.32 7.83
C ILE C 284 7.42 12.10 6.41
N LYS C 285 8.44 11.26 6.28
CA LYS C 285 9.03 11.00 4.98
C LYS C 285 8.17 10.00 4.22
N CYS C 286 7.78 10.38 3.00
CA CYS C 286 6.99 9.51 2.15
C CYS C 286 7.84 8.34 1.66
N THR C 287 7.15 7.26 1.28
CA THR C 287 7.85 6.02 0.95
C THR C 287 8.55 6.12 -0.40
N SER C 288 7.88 6.69 -1.40
CA SER C 288 8.41 6.78 -2.74
C SER C 288 8.88 8.20 -3.04
N THR C 289 9.78 8.31 -4.02
CA THR C 289 10.27 9.61 -4.45
C THR C 289 9.28 10.23 -5.42
N SER C 290 9.08 11.53 -5.29
CA SER C 290 8.04 12.21 -6.04
C SER C 290 8.54 12.66 -7.41
N ARG C 291 7.60 12.96 -8.29
CA ARG C 291 7.90 13.47 -9.63
C ARG C 291 7.02 14.67 -9.95
N ASP C 292 7.05 15.12 -11.20
CA ASP C 292 6.37 16.37 -11.58
C ASP C 292 4.94 16.14 -12.02
N LYS C 293 4.75 15.38 -13.10
CA LYS C 293 3.43 15.05 -13.62
C LYS C 293 3.14 13.58 -13.38
N ILE C 294 1.94 13.15 -13.77
CA ILE C 294 1.57 11.75 -13.64
C ILE C 294 1.75 11.07 -14.99
N THR C 295 1.73 11.86 -16.07
CA THR C 295 1.83 11.29 -17.41
C THR C 295 3.24 11.27 -17.96
N THR C 296 4.12 12.13 -17.47
CA THR C 296 5.49 12.22 -17.98
C THR C 296 6.41 11.65 -16.90
N LEU C 297 6.89 10.44 -17.12
CA LEU C 297 7.83 9.82 -16.20
C LEU C 297 9.18 10.49 -16.26
N SER D 10 -25.02 -17.64 -5.28
CA SER D 10 -24.60 -18.86 -4.60
C SER D 10 -23.33 -18.61 -3.79
N ASP D 11 -22.46 -17.75 -4.32
CA ASP D 11 -21.28 -17.31 -3.59
C ASP D 11 -21.60 -16.13 -2.69
N ARG D 12 -22.53 -15.27 -3.10
CA ARG D 12 -22.76 -14.00 -2.42
C ARG D 12 -23.55 -14.15 -1.12
N VAL D 13 -24.60 -14.96 -1.11
CA VAL D 13 -25.39 -15.14 0.11
C VAL D 13 -24.62 -16.01 1.10
N ALA D 14 -24.84 -15.76 2.39
CA ALA D 14 -24.16 -16.48 3.45
C ALA D 14 -24.96 -16.37 4.72
N GLN D 15 -24.72 -17.32 5.64
CA GLN D 15 -25.36 -17.29 6.94
C GLN D 15 -24.42 -17.91 7.96
N LEU D 16 -24.16 -17.18 9.04
CA LEU D 16 -23.29 -17.63 10.12
C LEU D 16 -24.11 -17.76 11.38
N THR D 17 -24.29 -18.99 11.85
CA THR D 17 -25.01 -19.25 13.09
C THR D 17 -24.06 -19.90 14.09
N ILE D 18 -24.07 -19.39 15.32
CA ILE D 18 -23.25 -19.92 16.41
C ILE D 18 -23.87 -19.44 17.70
N GLY D 19 -23.99 -20.35 18.67
CA GLY D 19 -24.62 -20.02 19.93
C GLY D 19 -26.12 -19.92 19.78
N ASN D 20 -26.68 -18.76 20.08
CA ASN D 20 -28.08 -18.49 19.80
C ASN D 20 -28.25 -17.35 18.80
N SER D 21 -27.16 -16.83 18.28
CA SER D 21 -27.19 -15.70 17.35
C SER D 21 -27.09 -16.20 15.91
N THR D 22 -27.41 -15.31 14.98
CA THR D 22 -27.45 -15.65 13.56
C THR D 22 -27.23 -14.38 12.76
N ILE D 23 -26.30 -14.42 11.81
CA ILE D 23 -26.03 -13.29 10.92
C ILE D 23 -26.34 -13.72 9.51
N THR D 24 -27.22 -12.99 8.85
CA THR D 24 -27.51 -13.20 7.44
C THR D 24 -26.91 -12.07 6.62
N THR D 25 -26.54 -12.37 5.38
CA THR D 25 -26.05 -11.37 4.45
C THR D 25 -26.39 -11.81 3.04
N GLN D 26 -26.56 -10.85 2.15
CA GLN D 26 -26.96 -11.13 0.78
C GLN D 26 -25.99 -10.60 -0.26
N GLU D 27 -24.97 -9.84 0.14
CA GLU D 27 -24.00 -9.28 -0.79
C GLU D 27 -22.63 -9.42 -0.13
N ALA D 28 -21.98 -10.55 -0.35
CA ALA D 28 -20.76 -10.83 0.39
C ALA D 28 -19.74 -11.51 -0.50
N ALA D 29 -18.48 -11.38 -0.11
CA ALA D 29 -17.40 -12.14 -0.70
C ALA D 29 -17.21 -13.43 0.10
N ASN D 30 -16.09 -14.11 -0.09
CA ASN D 30 -15.81 -15.33 0.66
C ASN D 30 -15.48 -15.01 2.12
N ILE D 31 -15.31 -16.06 2.90
CA ILE D 31 -14.80 -15.97 4.26
C ILE D 31 -13.30 -16.19 4.20
N VAL D 32 -12.54 -15.39 4.93
CA VAL D 32 -11.09 -15.51 4.98
C VAL D 32 -10.71 -16.22 6.26
N ILE D 33 -10.04 -17.36 6.13
CA ILE D 33 -9.48 -18.07 7.27
C ILE D 33 -8.03 -17.67 7.39
N ALA D 34 -7.69 -16.99 8.48
CA ALA D 34 -6.37 -16.38 8.63
C ALA D 34 -5.30 -17.44 8.78
N TYR D 35 -4.34 -17.43 7.85
CA TYR D 35 -3.22 -18.38 7.76
C TYR D 35 -3.69 -19.82 7.61
N GLY D 36 -4.85 -20.02 7.01
CA GLY D 36 -5.32 -21.34 6.62
C GLY D 36 -5.61 -22.30 7.75
N GLU D 37 -5.92 -21.79 8.94
CA GLU D 37 -6.03 -22.67 10.09
C GLU D 37 -7.25 -22.29 10.93
N TRP D 38 -7.98 -23.31 11.37
CA TRP D 38 -9.16 -23.16 12.19
C TRP D 38 -8.80 -23.09 13.67
N PRO D 39 -9.57 -22.36 14.46
CA PRO D 39 -9.33 -22.36 15.91
C PRO D 39 -9.73 -23.70 16.53
N GLU D 40 -9.05 -24.05 17.62
CA GLU D 40 -9.23 -25.34 18.24
C GLU D 40 -8.79 -25.27 19.70
N TYR D 41 -9.03 -26.35 20.42
CA TYR D 41 -8.62 -26.46 21.81
C TYR D 41 -7.15 -26.86 21.90
N CYS D 42 -6.56 -26.61 23.05
CA CYS D 42 -5.14 -26.87 23.24
C CYS D 42 -4.91 -28.36 23.50
N PRO D 43 -4.07 -29.02 22.71
CA PRO D 43 -3.81 -30.44 22.94
C PRO D 43 -2.94 -30.69 24.16
N ASP D 44 -2.80 -31.96 24.51
CA ASP D 44 -2.07 -32.35 25.72
C ASP D 44 -0.58 -32.14 25.59
N THR D 45 -0.07 -32.15 24.37
CA THR D 45 1.35 -31.98 24.13
C THR D 45 1.81 -30.54 24.33
N ASP D 46 0.98 -29.56 23.96
CA ASP D 46 1.33 -28.17 24.10
C ASP D 46 0.82 -27.55 25.39
N ALA D 47 0.23 -28.32 26.28
CA ALA D 47 -0.29 -27.77 27.52
C ALA D 47 0.81 -27.71 28.58
N THR D 48 0.62 -26.81 29.55
CA THR D 48 1.56 -26.66 30.64
C THR D 48 0.94 -26.61 32.02
N ALA D 49 -0.29 -26.15 32.17
CA ALA D 49 -0.94 -26.11 33.48
C ALA D 49 -1.41 -27.50 33.87
N VAL D 50 -1.64 -27.70 35.16
CA VAL D 50 -1.99 -29.01 35.67
C VAL D 50 -3.38 -29.04 36.29
N ASP D 51 -4.26 -28.13 35.91
CA ASP D 51 -5.63 -28.13 36.38
C ASP D 51 -6.58 -28.25 35.22
N LYS D 52 -7.80 -28.65 35.52
CA LYS D 52 -8.80 -28.80 34.47
C LYS D 52 -9.34 -27.44 34.07
N PRO D 53 -9.26 -27.07 32.80
CA PRO D 53 -9.87 -25.82 32.35
C PRO D 53 -11.37 -25.95 32.23
N THR D 54 -12.02 -24.80 32.07
CA THR D 54 -13.48 -24.76 31.94
C THR D 54 -13.85 -24.35 30.52
N ARG D 55 -14.91 -24.98 30.02
CA ARG D 55 -15.42 -24.66 28.72
C ARG D 55 -16.89 -24.36 28.90
N PRO D 56 -17.28 -23.10 28.70
CA PRO D 56 -18.70 -22.77 28.73
C PRO D 56 -19.06 -22.71 27.26
N ASP D 57 -19.73 -23.74 26.75
CA ASP D 57 -20.04 -23.80 25.32
C ASP D 57 -20.97 -22.77 24.68
N VAL D 58 -22.09 -22.46 25.33
CA VAL D 58 -23.02 -21.51 24.73
C VAL D 58 -23.12 -20.13 25.38
N SER D 59 -22.47 -19.96 26.52
CA SER D 59 -22.52 -18.68 27.22
C SER D 59 -21.41 -17.73 26.80
N VAL D 60 -20.50 -18.19 25.94
CA VAL D 60 -19.40 -17.35 25.52
C VAL D 60 -19.10 -17.43 24.03
N ASN D 61 -19.72 -18.35 23.30
CA ASN D 61 -19.50 -18.48 21.86
C ASN D 61 -20.75 -17.99 21.14
N ARG D 62 -20.82 -16.68 20.92
CA ARG D 62 -21.97 -16.06 20.29
C ARG D 62 -21.55 -14.70 19.77
N PHE D 63 -22.39 -14.12 18.92
CA PHE D 63 -22.02 -12.88 18.25
C PHE D 63 -22.31 -11.68 19.16
N PHE D 64 -21.25 -11.02 19.62
CA PHE D 64 -21.37 -9.78 20.37
C PHE D 64 -21.18 -8.61 19.42
N THR D 65 -22.10 -7.65 19.44
CA THR D 65 -22.00 -6.47 18.61
C THR D 65 -21.53 -5.27 19.43
N LEU D 66 -20.72 -4.42 18.82
CA LEU D 66 -20.14 -3.25 19.46
C LEU D 66 -20.86 -1.98 18.99
N ASP D 67 -20.31 -0.82 19.35
CA ASP D 67 -20.90 0.45 18.98
C ASP D 67 -20.73 0.71 17.49
N THR D 68 -21.42 1.76 17.02
CA THR D 68 -21.53 2.07 15.61
C THR D 68 -20.88 3.42 15.33
N LYS D 69 -19.96 3.45 14.38
CA LYS D 69 -19.26 4.67 13.99
C LYS D 69 -19.99 5.35 12.85
N SER D 70 -19.47 6.49 12.43
CA SER D 70 -20.04 7.27 11.35
C SER D 70 -18.96 7.62 10.35
N TRP D 71 -19.23 7.37 9.07
CA TRP D 71 -18.28 7.59 8.00
C TRP D 71 -18.59 8.94 7.37
N ALA D 72 -17.71 9.92 7.58
CA ALA D 72 -17.81 11.22 6.95
C ALA D 72 -16.91 11.26 5.73
N LYS D 73 -16.89 12.41 5.06
CA LYS D 73 -16.08 12.53 3.85
C LYS D 73 -14.60 12.73 4.13
N ASP D 74 -14.21 12.89 5.39
CA ASP D 74 -12.81 13.14 5.74
C ASP D 74 -12.42 12.34 6.97
N SER D 75 -12.88 11.10 7.05
CA SER D 75 -12.56 10.27 8.21
C SER D 75 -11.14 9.74 8.12
N LYS D 76 -10.57 9.45 9.29
CA LYS D 76 -9.19 8.97 9.35
C LYS D 76 -9.12 7.45 9.37
N GLY D 77 -9.71 6.82 10.37
CA GLY D 77 -9.68 5.39 10.51
C GLY D 77 -9.62 5.01 11.98
N TRP D 78 -10.24 3.89 12.30
CA TRP D 78 -10.44 3.45 13.68
C TRP D 78 -9.66 2.17 13.93
N TYR D 79 -9.47 1.85 15.22
CA TYR D 79 -8.86 0.58 15.57
C TYR D 79 -9.43 0.08 16.89
N TRP D 80 -9.45 -1.24 17.03
CA TRP D 80 -9.90 -1.91 18.25
C TRP D 80 -8.83 -2.90 18.69
N LYS D 81 -8.89 -3.33 19.95
CA LYS D 81 -7.93 -4.27 20.50
C LYS D 81 -8.66 -5.48 21.05
N PHE D 82 -8.11 -6.67 20.84
CA PHE D 82 -8.72 -7.91 21.24
C PHE D 82 -7.83 -8.65 22.23
N PRO D 83 -8.40 -9.21 23.32
CA PRO D 83 -9.79 -9.26 23.72
C PRO D 83 -10.18 -8.16 24.69
N ASP D 84 -9.68 -6.95 24.45
CA ASP D 84 -9.99 -5.82 25.32
C ASP D 84 -11.45 -5.42 25.23
N VAL D 85 -12.09 -5.67 24.07
CA VAL D 85 -13.43 -5.15 23.85
C VAL D 85 -14.47 -5.95 24.63
N LEU D 86 -14.20 -7.23 24.88
CA LEU D 86 -15.15 -8.11 25.53
C LEU D 86 -14.86 -8.33 27.01
N THR D 87 -14.02 -7.51 27.61
CA THR D 87 -13.66 -7.67 29.01
C THR D 87 -14.80 -7.21 29.94
N GLU D 88 -15.72 -6.37 29.45
CA GLU D 88 -16.82 -5.91 30.28
C GLU D 88 -18.20 -6.28 29.74
N VAL D 89 -18.29 -7.19 28.77
CA VAL D 89 -19.56 -7.52 28.12
C VAL D 89 -19.90 -8.97 28.38
N GLY D 90 -21.03 -9.21 29.03
CA GLY D 90 -21.62 -10.54 29.06
C GLY D 90 -20.93 -11.51 30.02
N VAL D 91 -21.09 -12.79 29.72
CA VAL D 91 -20.50 -13.85 30.52
C VAL D 91 -19.02 -14.02 30.20
N PHE D 92 -18.61 -13.73 28.96
CA PHE D 92 -17.19 -13.63 28.64
C PHE D 92 -16.51 -12.53 29.44
N GLY D 93 -17.22 -11.44 29.72
CA GLY D 93 -16.64 -10.38 30.52
C GLY D 93 -16.50 -10.73 31.98
N GLN D 94 -17.25 -11.72 32.47
CA GLN D 94 -17.15 -12.16 33.85
C GLN D 94 -16.19 -13.31 34.04
N ASN D 95 -16.07 -14.20 33.05
CA ASN D 95 -15.12 -15.29 33.17
C ASN D 95 -13.68 -14.81 33.04
N ALA D 96 -13.46 -13.72 32.31
CA ALA D 96 -12.10 -13.21 32.15
C ALA D 96 -11.61 -12.45 33.36
N GLN D 97 -12.50 -12.06 34.27
CA GLN D 97 -12.09 -11.37 35.49
C GLN D 97 -11.86 -12.34 36.64
N PHE D 98 -12.62 -13.43 36.70
CA PHE D 98 -12.45 -14.39 37.78
C PHE D 98 -11.27 -15.31 37.51
N HIS D 99 -11.12 -15.78 36.28
CA HIS D 99 -10.03 -16.68 35.97
C HIS D 99 -8.75 -15.90 35.70
N TYR D 100 -7.64 -16.62 35.58
CA TYR D 100 -6.34 -16.01 35.36
C TYR D 100 -5.85 -16.14 33.93
N LEU D 101 -6.06 -17.29 33.29
CA LEU D 101 -5.62 -17.52 31.92
C LEU D 101 -6.82 -17.64 31.00
N TYR D 102 -6.59 -17.35 29.72
CA TYR D 102 -7.62 -17.55 28.71
C TYR D 102 -6.94 -18.01 27.43
N ARG D 103 -7.75 -18.54 26.50
CA ARG D 103 -7.27 -18.94 25.19
C ARG D 103 -8.47 -19.05 24.28
N SER D 104 -8.49 -18.30 23.17
CA SER D 104 -9.65 -18.30 22.29
C SER D 104 -9.26 -17.79 20.92
N GLY D 105 -10.10 -18.11 19.93
CA GLY D 105 -10.02 -17.52 18.61
C GLY D 105 -11.27 -16.72 18.34
N PHE D 106 -11.29 -15.91 17.30
CA PHE D 106 -12.40 -14.98 17.07
C PHE D 106 -12.97 -15.16 15.67
N CYS D 107 -14.00 -14.36 15.38
CA CYS D 107 -14.64 -14.35 14.07
C CYS D 107 -15.27 -12.97 13.90
N VAL D 108 -14.63 -12.12 13.11
CA VAL D 108 -15.00 -10.71 13.02
C VAL D 108 -15.86 -10.49 11.79
N HIS D 109 -16.96 -9.76 11.95
CA HIS D 109 -17.84 -9.39 10.86
C HIS D 109 -18.08 -7.89 10.91
N VAL D 110 -17.82 -7.20 9.80
CA VAL D 110 -17.88 -5.75 9.74
C VAL D 110 -18.90 -5.35 8.69
N GLN D 111 -20.01 -4.74 9.12
CA GLN D 111 -21.06 -4.33 8.20
C GLN D 111 -20.97 -2.84 7.90
N CYS D 112 -21.18 -2.49 6.64
CA CYS D 112 -21.29 -1.09 6.20
C CYS D 112 -21.95 -1.10 4.83
N ASN D 113 -23.06 -0.38 4.69
CA ASN D 113 -23.82 -0.41 3.44
C ASN D 113 -24.12 0.99 2.95
N ALA D 114 -24.33 1.10 1.65
CA ALA D 114 -24.76 2.34 1.02
C ALA D 114 -25.55 1.96 -0.23
N SER D 115 -26.11 2.97 -0.88
CA SER D 115 -26.98 2.73 -2.03
C SER D 115 -26.14 2.50 -3.29
N LYS D 116 -26.80 2.48 -4.44
CA LYS D 116 -26.11 2.32 -5.71
C LYS D 116 -25.62 3.62 -6.30
N PHE D 117 -25.75 4.74 -5.59
CA PHE D 117 -25.25 6.02 -6.06
C PHE D 117 -24.09 6.54 -5.24
N HIS D 118 -23.68 5.82 -4.20
CA HIS D 118 -22.52 6.18 -3.38
C HIS D 118 -21.29 5.44 -3.87
N GLN D 119 -20.12 5.91 -3.44
CA GLN D 119 -18.86 5.28 -3.79
C GLN D 119 -17.89 5.42 -2.64
N GLY D 120 -16.90 4.54 -2.62
CA GLY D 120 -15.92 4.51 -1.56
C GLY D 120 -15.36 3.12 -1.37
N ALA D 121 -14.34 3.03 -0.52
CA ALA D 121 -13.67 1.76 -0.29
C ALA D 121 -12.99 1.78 1.07
N LEU D 122 -13.25 0.76 1.88
CA LEU D 122 -12.58 0.56 3.15
C LEU D 122 -11.49 -0.49 3.00
N LEU D 123 -10.74 -0.71 4.08
CA LEU D 123 -9.75 -1.78 4.15
C LEU D 123 -9.79 -2.36 5.55
N VAL D 124 -10.33 -3.55 5.68
CA VAL D 124 -10.48 -4.22 6.97
C VAL D 124 -9.33 -5.20 7.10
N ALA D 125 -8.42 -4.97 8.06
CA ALA D 125 -7.24 -5.80 8.21
C ALA D 125 -7.09 -6.24 9.66
N VAL D 126 -6.22 -7.23 9.87
CA VAL D 126 -5.94 -7.79 11.19
C VAL D 126 -4.42 -7.80 11.35
N LEU D 127 -3.92 -7.09 12.35
CA LEU D 127 -2.48 -6.95 12.55
C LEU D 127 -2.11 -7.50 13.92
N PRO D 128 -1.48 -8.66 14.01
CA PRO D 128 -1.16 -9.23 15.32
C PRO D 128 0.03 -8.53 15.96
N GLU D 129 -0.07 -8.39 17.29
CA GLU D 129 0.89 -7.67 18.13
C GLU D 129 1.10 -6.25 17.62
N TYR D 130 0.03 -5.48 17.67
CA TYR D 130 0.03 -4.11 17.17
C TYR D 130 0.48 -3.19 18.30
N VAL D 131 1.74 -2.75 18.25
CA VAL D 131 2.31 -1.88 19.27
C VAL D 131 2.30 -0.46 18.76
N LEU D 132 1.69 0.44 19.52
CA LEU D 132 1.54 1.83 19.11
C LEU D 132 2.75 2.65 19.50
N GLY D 133 2.91 3.79 18.83
CA GLY D 133 3.96 4.71 19.17
C GLY D 133 3.48 6.14 19.00
N THR D 134 4.16 7.04 19.72
CA THR D 134 3.80 8.45 19.69
C THR D 134 4.68 9.19 18.68
N ILE D 135 4.46 10.49 18.58
CA ILE D 135 5.13 11.31 17.58
C ILE D 135 6.39 11.93 18.17
N ALA D 136 6.76 11.47 19.37
CA ALA D 136 7.98 11.89 20.09
C ALA D 136 8.02 13.40 20.31
N GLY D 137 6.86 13.98 20.60
CA GLY D 137 6.78 15.41 20.85
C GLY D 137 6.97 16.28 19.62
N GLY D 138 6.90 15.71 18.42
CA GLY D 138 7.06 16.47 17.21
C GLY D 138 8.49 16.59 16.75
N THR D 139 9.37 17.07 17.64
CA THR D 139 10.76 17.30 17.27
C THR D 139 11.61 16.05 17.38
N GLY D 140 11.12 14.99 18.00
CA GLY D 140 11.89 13.78 18.17
C GLY D 140 12.88 13.81 19.31
N ASN D 141 12.84 14.84 20.16
CA ASN D 141 13.81 14.96 21.24
C ASN D 141 13.45 14.07 22.41
N GLU D 142 12.20 14.12 22.86
CA GLU D 142 11.78 13.37 24.03
C GLU D 142 10.91 12.19 23.62
N ASN D 143 10.98 11.13 24.42
CA ASN D 143 10.15 9.95 24.20
C ASN D 143 8.92 10.04 25.09
N SER D 144 7.76 10.09 24.46
CA SER D 144 6.49 10.06 25.17
C SER D 144 5.85 8.71 24.91
N HIS D 145 5.28 8.13 25.95
CA HIS D 145 4.59 6.87 25.78
C HIS D 145 3.09 7.10 25.80
N PRO D 146 2.31 6.33 25.04
CA PRO D 146 0.89 6.61 24.95
C PRO D 146 0.17 6.24 26.23
N PRO D 147 -0.91 6.94 26.57
CA PRO D 147 -1.58 6.70 27.85
C PRO D 147 -2.37 5.40 27.85
N TYR D 148 -2.95 5.10 29.01
CA TYR D 148 -3.67 3.84 29.17
C TYR D 148 -4.99 3.84 28.43
N ALA D 149 -5.58 5.00 28.22
CA ALA D 149 -6.83 5.08 27.46
C ALA D 149 -6.62 5.07 25.95
N THR D 150 -5.37 4.92 25.50
CA THR D 150 -5.05 4.84 24.08
C THR D 150 -4.53 3.48 23.67
N THR D 151 -3.72 2.84 24.52
CA THR D 151 -3.23 1.50 24.22
C THR D 151 -4.32 0.45 24.35
N GLN D 152 -5.28 0.67 25.24
CA GLN D 152 -6.41 -0.23 25.44
C GLN D 152 -7.66 0.64 25.57
N PRO D 153 -8.30 0.97 24.45
CA PRO D 153 -9.38 1.96 24.50
C PRO D 153 -10.68 1.43 25.06
N GLY D 154 -10.89 0.12 25.00
CA GLY D 154 -12.13 -0.46 25.45
C GLY D 154 -13.00 -0.90 24.30
N GLN D 155 -14.31 -0.96 24.51
CA GLN D 155 -15.24 -1.38 23.45
C GLN D 155 -15.65 -0.23 22.56
N VAL D 156 -15.07 0.95 22.73
CA VAL D 156 -15.34 2.07 21.84
C VAL D 156 -14.33 2.12 20.70
N GLY D 157 -13.04 2.01 21.01
CA GLY D 157 -12.00 1.99 20.01
C GLY D 157 -11.63 3.39 19.56
N ALA D 158 -10.35 3.71 19.58
CA ALA D 158 -9.89 5.06 19.29
C ALA D 158 -9.75 5.26 17.78
N VAL D 159 -9.13 6.37 17.40
CA VAL D 159 -8.93 6.71 16.01
C VAL D 159 -7.43 6.84 15.73
N LEU D 160 -7.08 6.80 14.45
CA LEU D 160 -5.70 6.96 14.03
C LEU D 160 -5.44 8.44 13.79
N THR D 161 -4.44 8.99 14.48
CA THR D 161 -4.17 10.42 14.36
C THR D 161 -3.26 10.71 13.16
N HIS D 162 -2.52 9.69 12.75
CA HIS D 162 -1.70 9.73 11.56
C HIS D 162 -1.95 8.36 10.98
N PRO D 163 -2.74 8.27 9.90
CA PRO D 163 -2.99 6.92 9.40
C PRO D 163 -2.08 6.47 8.28
N TYR D 164 -1.26 7.36 7.70
CA TYR D 164 -0.38 6.94 6.63
C TYR D 164 0.74 6.05 7.14
N VAL D 165 1.18 6.26 8.37
CA VAL D 165 2.22 5.46 8.99
C VAL D 165 1.65 4.57 10.09
N LEU D 166 0.33 4.42 10.14
CA LEU D 166 -0.40 3.51 11.04
C LEU D 166 -0.15 3.78 12.52
N ASP D 167 0.30 4.99 12.85
CA ASP D 167 0.74 5.41 14.20
C ASP D 167 1.86 4.53 14.75
N ALA D 168 2.63 3.87 13.90
CA ALA D 168 3.74 3.04 14.37
C ALA D 168 4.98 3.14 13.51
N GLY D 169 4.97 3.91 12.44
CA GLY D 169 6.12 4.01 11.57
C GLY D 169 6.18 2.99 10.47
N ILE D 170 5.14 2.20 10.27
CA ILE D 170 5.11 1.22 9.19
C ILE D 170 4.10 1.71 8.15
N PRO D 171 4.34 1.54 6.86
CA PRO D 171 3.47 2.19 5.86
C PRO D 171 2.18 1.41 5.63
N LEU D 172 1.16 2.15 5.20
CA LEU D 172 -0.14 1.58 4.90
C LEU D 172 -0.15 0.79 3.62
N SER D 173 0.81 1.04 2.71
CA SER D 173 0.76 0.47 1.37
C SER D 173 0.94 -1.04 1.40
N GLN D 174 1.85 -1.53 2.24
CA GLN D 174 2.08 -2.95 2.38
C GLN D 174 1.44 -3.53 3.64
N LEU D 175 0.26 -3.02 4.00
CA LEU D 175 -0.53 -3.60 5.07
C LEU D 175 -1.24 -4.87 4.63
N THR D 176 -1.42 -5.07 3.33
CA THR D 176 -2.17 -6.22 2.82
C THR D 176 -1.39 -7.53 2.89
N VAL D 177 -0.19 -7.54 3.46
CA VAL D 177 0.51 -8.80 3.69
C VAL D 177 -0.11 -9.54 4.89
N CYS D 178 -0.81 -8.81 5.76
CA CYS D 178 -1.62 -9.40 6.81
C CYS D 178 -2.95 -9.87 6.23
N PRO D 179 -3.69 -10.74 6.92
CA PRO D 179 -5.01 -11.14 6.42
C PRO D 179 -5.99 -9.98 6.43
N HIS D 180 -6.76 -9.86 5.35
CA HIS D 180 -7.55 -8.67 5.12
C HIS D 180 -8.67 -8.96 4.14
N GLN D 181 -9.61 -8.01 4.05
CA GLN D 181 -10.65 -8.00 3.03
C GLN D 181 -10.90 -6.54 2.64
N TRP D 182 -11.78 -6.32 1.67
CA TRP D 182 -12.14 -4.97 1.25
C TRP D 182 -13.65 -4.79 1.33
N ILE D 183 -14.07 -3.58 1.65
CA ILE D 183 -15.47 -3.17 1.54
C ILE D 183 -15.54 -2.21 0.36
N ASN D 184 -15.86 -2.74 -0.81
CA ASN D 184 -16.09 -1.90 -1.99
C ASN D 184 -17.58 -1.66 -2.10
N LEU D 185 -17.99 -0.40 -2.16
CA LEU D 185 -19.39 -0.06 -2.01
C LEU D 185 -20.22 -0.35 -3.25
N ARG D 186 -19.61 -0.76 -4.34
CA ARG D 186 -20.34 -1.20 -5.52
C ARG D 186 -20.43 -2.72 -5.60
N THR D 187 -19.70 -3.44 -4.74
CA THR D 187 -19.59 -4.90 -4.84
C THR D 187 -20.19 -5.63 -3.67
N ASN D 188 -19.76 -5.34 -2.43
CA ASN D 188 -20.25 -6.03 -1.26
C ASN D 188 -20.52 -5.03 -0.15
N ASN D 189 -20.98 -5.53 0.99
CA ASN D 189 -21.19 -4.65 2.14
C ASN D 189 -20.76 -5.27 3.46
N CYS D 190 -20.03 -6.39 3.45
CA CYS D 190 -19.58 -6.99 4.70
C CYS D 190 -18.30 -7.78 4.44
N ALA D 191 -17.47 -7.88 5.47
CA ALA D 191 -16.21 -8.61 5.42
C ALA D 191 -16.08 -9.51 6.63
N THR D 192 -15.65 -10.74 6.40
CA THR D 192 -15.58 -11.74 7.46
C THR D 192 -14.20 -12.38 7.48
N ILE D 193 -13.54 -12.35 8.63
CA ILE D 193 -12.24 -12.98 8.84
C ILE D 193 -12.36 -13.91 10.04
N ILE D 194 -11.77 -15.09 9.94
CA ILE D 194 -11.71 -16.04 11.05
C ILE D 194 -10.24 -16.23 11.40
N VAL D 195 -9.90 -15.93 12.65
CA VAL D 195 -8.51 -15.84 13.09
C VAL D 195 -8.29 -16.80 14.27
N PRO D 196 -7.27 -17.66 14.22
CA PRO D 196 -7.02 -18.56 15.35
C PRO D 196 -6.21 -17.90 16.45
N TYR D 197 -5.80 -18.68 17.45
CA TYR D 197 -5.04 -18.16 18.56
C TYR D 197 -3.56 -18.13 18.20
N MET D 198 -2.94 -16.96 18.28
CA MET D 198 -1.55 -16.76 17.88
C MET D 198 -0.79 -16.16 19.06
N ASN D 199 0.08 -16.95 19.68
CA ASN D 199 0.90 -16.50 20.80
C ASN D 199 2.04 -17.48 20.98
N THR D 200 3.09 -17.01 21.66
CA THR D 200 4.24 -17.88 21.93
C THR D 200 3.94 -18.87 23.04
N VAL D 201 3.07 -18.50 23.97
CA VAL D 201 2.71 -19.34 25.10
C VAL D 201 1.31 -19.89 24.88
N PRO D 202 0.98 -21.07 25.40
CA PRO D 202 -0.33 -21.66 25.09
C PRO D 202 -1.51 -20.96 25.76
N PHE D 203 -1.41 -20.65 27.04
CA PHE D 203 -2.40 -19.84 27.71
C PHE D 203 -1.77 -18.50 28.06
N ASP D 204 -2.57 -17.46 28.19
CA ASP D 204 -2.06 -16.16 28.61
C ASP D 204 -3.14 -15.40 29.37
N SER D 205 -2.73 -14.32 30.02
CA SER D 205 -3.66 -13.46 30.73
C SER D 205 -4.45 -12.61 29.76
N ALA D 206 -5.59 -12.10 30.23
CA ALA D 206 -6.51 -11.36 29.37
C ALA D 206 -6.53 -9.86 29.65
N LEU D 207 -6.17 -9.44 30.86
CA LEU D 207 -6.26 -8.03 31.21
C LEU D 207 -5.01 -7.24 30.85
N ASN D 208 -3.92 -7.92 30.48
CA ASN D 208 -2.66 -7.25 30.16
C ASN D 208 -2.29 -7.36 28.69
N HIS D 209 -2.32 -8.56 28.13
CA HIS D 209 -1.85 -8.78 26.77
C HIS D 209 -3.03 -8.74 25.81
N CYS D 210 -2.85 -8.00 24.71
CA CYS D 210 -3.83 -7.94 23.62
C CYS D 210 -3.12 -8.45 22.37
N ASN D 211 -3.42 -9.70 21.99
CA ASN D 211 -2.58 -10.42 21.05
C ASN D 211 -2.77 -9.99 19.60
N PHE D 212 -3.89 -9.38 19.25
CA PHE D 212 -4.01 -8.80 17.92
C PHE D 212 -4.98 -7.64 17.96
N GLY D 213 -4.81 -6.73 17.02
CA GLY D 213 -5.65 -5.55 16.93
C GLY D 213 -6.17 -5.38 15.52
N LEU D 214 -7.42 -4.97 15.41
CA LEU D 214 -8.10 -4.83 14.14
C LEU D 214 -8.30 -3.36 13.84
N LEU D 215 -8.11 -2.98 12.58
CA LEU D 215 -8.20 -1.60 12.17
C LEU D 215 -8.88 -1.47 10.81
N VAL D 216 -9.70 -0.43 10.67
CA VAL D 216 -10.51 -0.17 9.48
C VAL D 216 -10.14 1.21 8.97
N ILE D 217 -9.70 1.29 7.71
CA ILE D 217 -9.17 2.51 7.14
C ILE D 217 -9.82 2.77 5.78
N PRO D 218 -10.43 3.94 5.57
CA PRO D 218 -10.94 4.27 4.23
C PRO D 218 -9.81 4.71 3.30
N VAL D 219 -9.50 3.86 2.33
CA VAL D 219 -8.45 4.19 1.36
C VAL D 219 -8.98 5.17 0.33
N VAL D 220 -10.02 4.79 -0.40
CA VAL D 220 -10.71 5.69 -1.31
C VAL D 220 -11.83 6.38 -0.53
N PRO D 221 -11.85 7.70 -0.43
CA PRO D 221 -12.79 8.37 0.47
C PRO D 221 -14.21 8.32 -0.05
N LEU D 222 -15.15 8.41 0.89
CA LEU D 222 -16.56 8.37 0.55
C LEU D 222 -16.98 9.65 -0.14
N ASP D 223 -17.64 9.53 -1.28
CA ASP D 223 -18.22 10.68 -1.95
C ASP D 223 -19.59 10.31 -2.47
N PHE D 224 -20.46 11.30 -2.57
CA PHE D 224 -21.78 11.13 -3.15
C PHE D 224 -22.23 12.46 -3.71
N ASN D 225 -23.28 12.42 -4.52
CA ASN D 225 -23.89 13.65 -5.00
C ASN D 225 -24.73 14.27 -3.90
N ALA D 226 -24.80 15.59 -3.89
CA ALA D 226 -25.49 16.30 -2.81
C ALA D 226 -27.00 16.12 -2.90
N GLY D 227 -27.64 15.96 -1.75
CA GLY D 227 -29.03 15.61 -1.67
C GLY D 227 -29.29 14.18 -1.25
N ALA D 228 -28.27 13.32 -1.30
CA ALA D 228 -28.41 11.93 -0.90
C ALA D 228 -28.22 11.79 0.61
N THR D 229 -28.34 10.57 1.10
CA THR D 229 -28.24 10.30 2.53
C THR D 229 -26.79 10.39 2.97
N SER D 230 -26.51 11.25 3.93
CA SER D 230 -25.14 11.51 4.35
C SER D 230 -24.75 10.74 5.61
N GLU D 231 -25.64 9.93 6.17
CA GLU D 231 -25.36 9.18 7.39
C GLU D 231 -25.06 7.75 7.01
N ILE D 232 -23.77 7.43 6.85
CA ILE D 232 -23.33 6.10 6.47
C ILE D 232 -22.61 5.49 7.67
N PRO D 233 -23.24 4.55 8.39
CA PRO D 233 -22.61 3.99 9.59
C PRO D 233 -21.87 2.69 9.34
N ILE D 234 -21.01 2.35 10.31
CA ILE D 234 -20.14 1.19 10.25
C ILE D 234 -20.28 0.41 11.55
N THR D 235 -20.56 -0.89 11.46
CA THR D 235 -20.79 -1.71 12.64
C THR D 235 -19.85 -2.90 12.65
N VAL D 236 -19.39 -3.29 13.85
CA VAL D 236 -18.49 -4.41 14.03
C VAL D 236 -19.11 -5.40 15.00
N THR D 237 -19.27 -6.65 14.58
CA THR D 237 -19.72 -7.73 15.46
C THR D 237 -18.64 -8.80 15.50
N ILE D 238 -18.43 -9.38 16.68
CA ILE D 238 -17.38 -10.36 16.91
C ILE D 238 -17.96 -11.55 17.67
N ALA D 239 -17.20 -12.64 17.70
CA ALA D 239 -17.64 -13.85 18.38
C ALA D 239 -16.46 -14.70 18.80
N PRO D 240 -16.29 -14.99 20.09
CA PRO D 240 -15.22 -15.89 20.51
C PRO D 240 -15.53 -17.32 20.12
N MET D 241 -14.51 -18.05 19.65
CA MET D 241 -14.76 -19.34 19.01
C MET D 241 -14.63 -20.52 19.97
N CYS D 242 -13.47 -20.71 20.55
CA CYS D 242 -13.16 -21.91 21.32
C CYS D 242 -12.56 -21.55 22.67
N ALA D 243 -13.26 -20.70 23.41
CA ALA D 243 -12.73 -20.10 24.62
C ALA D 243 -12.52 -21.12 25.74
N GLU D 244 -11.37 -21.01 26.40
CA GLU D 244 -11.05 -21.77 27.61
C GLU D 244 -10.56 -20.82 28.67
N PHE D 245 -10.68 -21.23 29.93
CA PHE D 245 -10.21 -20.43 31.05
C PHE D 245 -9.63 -21.36 32.10
N ALA D 246 -8.70 -20.84 32.91
CA ALA D 246 -8.09 -21.65 33.96
C ALA D 246 -7.58 -20.72 35.06
N GLY D 247 -7.27 -21.31 36.22
CA GLY D 247 -6.74 -20.56 37.32
C GLY D 247 -7.73 -19.65 38.02
N LEU D 248 -8.69 -20.24 38.73
CA LEU D 248 -9.76 -19.47 39.35
C LEU D 248 -9.28 -18.74 40.60
N ARG D 249 -9.76 -17.52 40.79
CA ARG D 249 -9.46 -16.71 41.96
C ARG D 249 -10.61 -15.71 42.13
N GLN D 250 -10.40 -14.70 42.96
CA GLN D 250 -11.40 -13.65 43.11
C GLN D 250 -11.32 -12.68 41.94
N ALA D 251 -12.32 -11.80 41.83
CA ALA D 251 -12.42 -10.93 40.67
C ALA D 251 -11.42 -9.79 40.73
N VAL D 252 -10.66 -9.63 39.65
CA VAL D 252 -9.74 -8.52 39.47
C VAL D 252 -10.14 -7.78 38.21
N LYS D 253 -10.44 -6.48 38.35
CA LYS D 253 -10.94 -5.71 37.22
C LYS D 253 -9.82 -5.40 36.23
N GLN D 254 -8.76 -4.77 36.70
CA GLN D 254 -7.61 -4.49 35.84
C GLN D 254 -6.31 -4.47 36.64
N GLY E 1 54.03 -34.61 17.19
CA GLY E 1 52.67 -34.95 16.77
C GLY E 1 52.55 -35.10 15.27
N ILE E 2 51.38 -34.77 14.75
CA ILE E 2 51.10 -34.89 13.32
C ILE E 2 51.69 -33.69 12.60
N PRO E 3 52.50 -33.89 11.56
CA PRO E 3 53.13 -32.76 10.87
C PRO E 3 52.14 -32.05 9.96
N THR E 4 51.89 -30.76 10.24
CA THR E 4 50.94 -29.96 9.48
C THR E 4 51.61 -28.71 8.93
N GLU E 5 50.84 -27.95 8.16
CA GLU E 5 51.26 -26.69 7.57
C GLU E 5 50.10 -25.72 7.55
N LEU E 6 50.40 -24.43 7.61
CA LEU E 6 49.38 -23.39 7.61
C LEU E 6 49.40 -22.66 6.26
N LYS E 7 48.29 -22.75 5.53
CA LYS E 7 48.16 -22.06 4.26
C LYS E 7 47.72 -20.62 4.50
N PRO E 8 47.76 -19.76 3.47
CA PRO E 8 47.14 -18.44 3.60
C PRO E 8 45.65 -18.53 3.83
N GLY E 9 45.10 -17.47 4.42
CA GLY E 9 43.75 -17.49 4.92
C GLY E 9 43.66 -17.87 6.38
N THR E 10 44.68 -17.58 7.16
CA THR E 10 44.78 -17.99 8.56
C THR E 10 44.53 -16.77 9.44
N ASN E 11 43.72 -16.97 10.49
CA ASN E 11 43.38 -15.95 11.51
C ASN E 11 42.64 -14.76 10.90
N GLN E 12 41.87 -15.00 9.86
CA GLN E 12 40.98 -13.99 9.30
C GLN E 12 39.57 -14.21 9.82
N PHE E 13 38.78 -13.15 9.85
CA PHE E 13 37.38 -13.23 10.26
C PHE E 13 36.53 -12.85 9.07
N LEU E 14 35.98 -13.85 8.40
CA LEU E 14 35.04 -13.65 7.31
C LEU E 14 33.63 -13.77 7.85
N THR E 15 32.84 -12.72 7.71
CA THR E 15 31.50 -12.68 8.29
C THR E 15 30.47 -13.66 7.75
N THR E 16 30.55 -13.99 6.48
CA THR E 16 29.57 -14.88 5.87
C THR E 16 30.06 -16.31 5.75
N ASP E 17 30.85 -16.77 6.70
CA ASP E 17 31.39 -18.14 6.65
C ASP E 17 31.07 -18.96 7.91
N ASP E 18 30.10 -19.85 7.80
CA ASP E 18 29.68 -20.71 8.91
C ASP E 18 30.70 -21.79 9.30
N GLY E 19 30.73 -22.13 10.58
CA GLY E 19 31.63 -23.14 11.09
C GLY E 19 31.31 -23.49 12.53
N VAL E 20 31.88 -24.59 13.04
CA VAL E 20 31.63 -24.99 14.41
C VAL E 20 32.31 -24.02 15.35
N SER E 21 31.65 -23.70 16.47
CA SER E 21 32.20 -22.83 17.49
C SER E 21 31.89 -23.39 18.86
N ALA E 22 32.68 -23.00 19.85
CA ALA E 22 32.60 -23.63 21.16
C ALA E 22 31.36 -23.15 21.92
N PRO E 23 30.63 -24.05 22.58
CA PRO E 23 29.44 -23.66 23.32
C PRO E 23 29.77 -23.20 24.73
N ILE E 24 28.85 -22.43 25.31
CA ILE E 24 29.04 -21.90 26.65
C ILE E 24 28.43 -22.81 27.70
N LEU E 25 27.36 -23.51 27.36
CA LEU E 25 26.56 -24.21 28.36
C LEU E 25 26.45 -25.68 28.04
N PRO E 26 27.15 -26.56 28.74
CA PRO E 26 26.96 -28.00 28.51
C PRO E 26 25.71 -28.50 29.22
N GLY E 27 24.98 -29.38 28.53
CA GLY E 27 23.82 -29.99 29.11
C GLY E 27 22.55 -29.18 29.05
N PHE E 28 22.52 -28.08 28.30
CA PHE E 28 21.33 -27.26 28.17
C PHE E 28 20.29 -27.98 27.33
N HIS E 29 19.02 -27.60 27.52
CA HIS E 29 17.91 -28.13 26.73
C HIS E 29 16.88 -27.02 26.61
N PRO E 30 16.54 -26.60 25.39
CA PRO E 30 15.65 -25.44 25.23
C PRO E 30 14.20 -25.78 25.54
N THR E 31 13.38 -24.75 25.51
CA THR E 31 11.96 -24.91 25.73
C THR E 31 11.33 -25.62 24.54
N PRO E 32 10.41 -26.56 24.77
CA PRO E 32 9.80 -27.27 23.64
C PRO E 32 8.96 -26.35 22.78
N PRO E 33 8.90 -26.59 21.48
CA PRO E 33 8.18 -25.69 20.58
C PRO E 33 6.68 -25.90 20.61
N ILE E 34 5.96 -24.83 20.28
CA ILE E 34 4.50 -24.81 20.26
C ILE E 34 4.07 -24.48 18.83
N HIS E 35 2.99 -25.11 18.38
CA HIS E 35 2.49 -24.86 17.03
C HIS E 35 1.89 -23.46 16.93
N ILE E 36 2.62 -22.55 16.29
CA ILE E 36 2.17 -21.19 16.06
C ILE E 36 1.80 -21.06 14.60
N PRO E 37 0.61 -20.55 14.26
CA PRO E 37 0.20 -20.51 12.85
C PRO E 37 0.90 -19.40 12.08
N GLY E 38 1.23 -19.70 10.83
CA GLY E 38 1.80 -18.70 9.95
C GLY E 38 3.31 -18.77 9.82
N GLU E 39 3.84 -19.97 9.66
CA GLU E 39 5.29 -20.16 9.53
C GLU E 39 5.70 -19.99 8.08
N VAL E 40 6.76 -19.22 7.85
CA VAL E 40 7.33 -19.11 6.52
C VAL E 40 8.56 -20.00 6.45
N HIS E 41 8.88 -20.43 5.23
CA HIS E 41 10.09 -21.19 4.97
C HIS E 41 10.96 -20.55 3.90
N ASN E 42 10.45 -19.56 3.18
CA ASN E 42 11.13 -18.99 2.04
C ASN E 42 10.60 -17.58 1.85
N LEU E 43 11.44 -16.68 1.36
CA LEU E 43 11.00 -15.32 1.12
C LEU E 43 10.18 -15.18 -0.16
N LEU E 44 10.00 -16.25 -0.91
CA LEU E 44 9.30 -16.16 -2.18
C LEU E 44 7.79 -16.19 -2.05
N GLU E 45 7.24 -16.63 -0.92
CA GLU E 45 5.80 -16.57 -0.75
C GLU E 45 5.34 -15.34 0.01
N ILE E 46 6.25 -14.42 0.32
CA ILE E 46 5.84 -13.08 0.71
C ILE E 46 5.85 -12.15 -0.50
N CYS E 47 6.64 -12.49 -1.53
CA CYS E 47 6.67 -11.70 -2.75
C CYS E 47 5.51 -12.01 -3.68
N ARG E 48 4.63 -12.94 -3.32
CA ARG E 48 3.43 -13.18 -4.12
C ARG E 48 2.21 -12.45 -3.59
N VAL E 49 2.25 -11.97 -2.36
CA VAL E 49 1.13 -11.22 -1.79
C VAL E 49 1.16 -9.82 -2.38
N GLU E 50 0.01 -9.36 -2.87
CA GLU E 50 -0.05 -8.11 -3.61
C GLU E 50 -0.34 -6.94 -2.68
N THR E 51 0.40 -5.85 -2.88
CA THR E 51 0.33 -4.66 -2.06
C THR E 51 0.11 -3.44 -2.95
N ILE E 52 -0.20 -2.31 -2.32
CA ILE E 52 -0.67 -1.13 -3.03
C ILE E 52 0.50 -0.40 -3.69
N LEU E 53 0.29 0.06 -4.91
CA LEU E 53 1.30 0.74 -5.71
C LEU E 53 1.01 2.24 -5.71
N GLU E 54 2.04 3.05 -5.42
CA GLU E 54 1.88 4.50 -5.35
C GLU E 54 2.16 5.11 -6.72
N VAL E 55 1.15 5.05 -7.59
CA VAL E 55 1.31 5.61 -8.93
C VAL E 55 1.25 7.13 -8.89
N ASN E 56 0.41 7.68 -8.01
CA ASN E 56 0.19 9.12 -7.96
C ASN E 56 1.16 9.80 -6.99
N ASN E 57 2.46 9.67 -7.29
CA ASN E 57 3.49 10.27 -6.45
C ASN E 57 3.91 11.60 -7.04
N LEU E 58 3.15 12.65 -6.76
CA LEU E 58 3.47 13.98 -7.24
C LEU E 58 4.19 14.75 -6.14
N LYS E 59 4.72 15.92 -6.50
CA LYS E 59 5.38 16.77 -5.53
C LYS E 59 4.40 17.59 -4.71
N THR E 60 3.13 17.61 -5.07
CA THR E 60 2.13 18.33 -4.31
C THR E 60 1.39 17.46 -3.30
N ASN E 61 1.67 16.15 -3.29
CA ASN E 61 1.09 15.23 -2.33
C ASN E 61 2.00 14.96 -1.14
N GLU E 62 3.07 15.74 -1.00
CA GLU E 62 4.00 15.49 0.09
C GLU E 62 3.43 15.93 1.44
N THR E 63 2.44 16.81 1.44
CA THR E 63 1.87 17.31 2.68
C THR E 63 0.70 16.45 3.17
N THR E 64 -0.09 15.90 2.25
CA THR E 64 -1.21 15.02 2.56
C THR E 64 -0.98 13.66 1.88
N PRO E 65 -0.16 12.80 2.48
CA PRO E 65 0.33 11.61 1.76
C PRO E 65 -0.69 10.50 1.57
N MET E 66 -1.92 10.65 2.05
CA MET E 66 -2.95 9.65 1.75
C MET E 66 -3.50 9.79 0.35
N GLN E 67 -3.19 10.87 -0.35
CA GLN E 67 -3.62 11.02 -1.73
C GLN E 67 -2.82 10.16 -2.68
N ARG E 68 -1.67 9.64 -2.26
CA ARG E 68 -0.73 8.99 -3.15
C ARG E 68 -1.10 7.57 -3.51
N LEU E 69 -2.24 7.06 -3.07
CA LEU E 69 -2.60 5.68 -3.32
C LEU E 69 -3.64 5.52 -4.42
N CYS E 70 -4.42 6.55 -4.71
CA CYS E 70 -5.53 6.47 -5.65
C CYS E 70 -5.39 7.56 -6.70
N PHE E 71 -5.47 7.17 -7.98
CA PHE E 71 -5.42 8.17 -9.05
C PHE E 71 -6.77 8.25 -9.77
N PRO E 72 -7.22 9.44 -10.16
CA PRO E 72 -8.60 9.62 -10.57
C PRO E 72 -8.88 9.32 -12.04
N VAL E 73 -10.12 8.94 -12.30
CA VAL E 73 -10.69 8.95 -13.65
C VAL E 73 -11.93 9.84 -13.60
N SER E 74 -12.31 10.39 -14.76
CA SER E 74 -13.39 11.35 -14.81
C SER E 74 -13.96 11.39 -16.21
N VAL E 75 -15.01 12.19 -16.39
CA VAL E 75 -15.68 12.33 -17.68
C VAL E 75 -14.80 13.19 -18.58
N GLN E 76 -14.37 12.63 -19.70
CA GLN E 76 -13.45 13.30 -20.59
C GLN E 76 -14.19 14.04 -21.69
N SER E 77 -13.51 15.04 -22.27
CA SER E 77 -14.06 15.83 -23.36
C SER E 77 -13.49 15.48 -24.72
N LYS E 78 -12.28 14.92 -24.77
CA LYS E 78 -11.66 14.47 -26.00
C LYS E 78 -11.40 12.97 -25.93
N THR E 79 -11.37 12.34 -27.09
CA THR E 79 -11.29 10.88 -27.17
C THR E 79 -9.84 10.44 -27.28
N GLY E 80 -9.43 9.55 -26.39
CA GLY E 80 -8.14 8.92 -26.47
C GLY E 80 -7.03 9.50 -25.62
N GLU E 81 -7.35 10.22 -24.55
CA GLU E 81 -6.31 10.75 -23.69
C GLU E 81 -5.82 9.68 -22.73
N LEU E 82 -4.64 9.92 -22.14
CA LEU E 82 -4.06 8.95 -21.23
C LEU E 82 -4.23 9.41 -19.80
N CYS E 83 -4.23 8.44 -18.88
CA CYS E 83 -4.47 8.72 -17.47
C CYS E 83 -3.22 8.64 -16.63
N ALA E 84 -2.33 7.69 -16.89
CA ALA E 84 -1.14 7.52 -16.08
C ALA E 84 -0.06 6.83 -16.90
N ALA E 85 1.17 6.94 -16.41
CA ALA E 85 2.31 6.29 -17.03
C ALA E 85 3.42 6.15 -16.00
N PHE E 86 4.05 4.97 -15.97
CA PHE E 86 5.15 4.72 -15.04
C PHE E 86 5.98 3.57 -15.59
N ARG E 87 7.18 3.41 -15.04
CA ARG E 87 8.08 2.36 -15.47
C ARG E 87 7.73 1.06 -14.78
N ALA E 88 8.20 -0.05 -15.36
CA ALA E 88 7.79 -1.38 -14.94
C ALA E 88 8.95 -2.20 -14.39
N ASP E 89 9.81 -1.60 -13.58
CA ASP E 89 10.91 -2.29 -12.95
C ASP E 89 10.88 -2.09 -11.45
N PRO E 90 10.91 -3.16 -10.65
CA PRO E 90 10.75 -3.00 -9.20
C PRO E 90 11.97 -2.47 -8.48
N GLY E 91 13.14 -2.45 -9.10
CA GLY E 91 14.32 -1.99 -8.40
C GLY E 91 14.50 -0.48 -8.42
N ARG E 92 13.99 0.18 -9.45
CA ARG E 92 14.23 1.61 -9.62
C ARG E 92 13.40 2.42 -8.64
N ASP E 93 13.90 3.60 -8.32
CA ASP E 93 13.20 4.51 -7.42
C ASP E 93 12.00 5.13 -8.12
N GLY E 94 10.81 4.78 -7.66
CA GLY E 94 9.60 5.28 -8.26
C GLY E 94 8.36 4.75 -7.56
N PRO E 95 7.34 4.38 -8.33
CA PRO E 95 6.10 3.87 -7.71
C PRO E 95 6.25 2.54 -7.04
N TRP E 96 7.25 1.74 -7.40
CA TRP E 96 7.38 0.39 -6.86
C TRP E 96 8.02 0.34 -5.49
N GLN E 97 8.42 1.48 -4.92
CA GLN E 97 9.06 1.47 -3.61
C GLN E 97 8.09 1.18 -2.49
N SER E 98 6.80 1.39 -2.70
CA SER E 98 5.82 1.20 -1.63
C SER E 98 5.32 -0.23 -1.52
N THR E 99 5.77 -1.12 -2.39
CA THR E 99 5.30 -2.51 -2.37
C THR E 99 6.25 -3.39 -1.58
N ILE E 100 5.74 -4.54 -1.12
CA ILE E 100 6.60 -5.49 -0.45
C ILE E 100 7.51 -6.19 -1.45
N LEU E 101 7.15 -6.21 -2.73
CA LEU E 101 8.07 -6.73 -3.74
C LEU E 101 9.20 -5.75 -3.98
N GLY E 102 8.91 -4.44 -3.94
CA GLY E 102 9.94 -3.45 -4.16
C GLY E 102 10.89 -3.28 -3.01
N GLN E 103 10.52 -3.76 -1.81
CA GLN E 103 11.41 -3.66 -0.66
C GLN E 103 12.23 -4.92 -0.45
N LEU E 104 11.72 -6.07 -0.87
CA LEU E 104 12.48 -7.31 -0.76
C LEU E 104 13.40 -7.54 -1.95
N CYS E 105 13.08 -6.97 -3.11
CA CYS E 105 14.01 -6.99 -4.23
C CYS E 105 15.23 -6.11 -3.94
N ARG E 106 15.07 -5.14 -3.06
CA ARG E 106 16.16 -4.24 -2.73
C ARG E 106 17.33 -5.00 -2.11
N TYR E 107 17.03 -6.01 -1.29
CA TYR E 107 18.07 -6.73 -0.59
C TYR E 107 18.91 -7.59 -1.51
N TYR E 108 18.42 -7.89 -2.70
CA TYR E 108 19.13 -8.72 -3.66
C TYR E 108 19.55 -7.88 -4.86
N THR E 109 20.46 -8.43 -5.66
CA THR E 109 21.02 -7.68 -6.78
C THR E 109 20.32 -7.96 -8.10
N GLN E 110 20.10 -9.22 -8.43
CA GLN E 110 19.55 -9.61 -9.71
C GLN E 110 18.23 -10.36 -9.52
N TRP E 111 17.32 -10.20 -10.46
CA TRP E 111 16.01 -10.83 -10.38
C TRP E 111 15.63 -11.38 -11.74
N SER E 112 14.57 -12.18 -11.75
CA SER E 112 14.10 -12.82 -12.96
C SER E 112 12.61 -13.14 -12.81
N GLY E 113 11.96 -13.41 -13.93
CA GLY E 113 10.57 -13.80 -13.92
C GLY E 113 9.65 -12.64 -14.25
N SER E 114 8.37 -12.98 -14.37
CA SER E 114 7.33 -12.03 -14.77
C SER E 114 6.57 -11.54 -13.55
N LEU E 115 5.95 -10.37 -13.71
CA LEU E 115 5.18 -9.73 -12.65
C LEU E 115 3.70 -9.74 -13.00
N GLU E 116 2.90 -9.12 -12.14
CA GLU E 116 1.50 -8.89 -12.44
C GLU E 116 1.07 -7.61 -11.78
N VAL E 117 0.13 -6.91 -12.41
CA VAL E 117 -0.39 -5.64 -11.90
C VAL E 117 -1.91 -5.72 -11.94
N THR E 118 -2.53 -5.60 -10.77
CA THR E 118 -3.98 -5.74 -10.63
C THR E 118 -4.58 -4.38 -10.33
N PHE E 119 -5.50 -3.95 -11.17
CA PHE E 119 -6.22 -2.69 -10.96
C PHE E 119 -7.60 -2.98 -10.40
N MET E 120 -8.09 -2.08 -9.55
CA MET E 120 -9.38 -2.25 -8.90
C MET E 120 -10.15 -0.94 -8.99
N PHE E 121 -11.38 -1.02 -9.48
CA PHE E 121 -12.22 0.15 -9.67
C PHE E 121 -13.04 0.42 -8.43
N ALA E 122 -13.09 1.68 -8.01
CA ALA E 122 -13.78 2.07 -6.79
C ALA E 122 -14.78 3.18 -7.07
N GLY E 123 -15.56 3.03 -8.11
CA GLY E 123 -16.60 3.99 -8.45
C GLY E 123 -17.96 3.50 -8.00
N SER E 124 -18.99 4.18 -8.47
CA SER E 124 -20.35 3.83 -8.11
C SER E 124 -20.83 2.66 -8.96
N PHE E 125 -22.01 2.14 -8.63
CA PHE E 125 -22.55 0.99 -9.35
C PHE E 125 -23.08 1.36 -10.72
N MET E 126 -23.48 2.60 -10.92
CA MET E 126 -24.13 3.00 -12.16
C MET E 126 -23.17 3.59 -13.20
N ALA E 127 -21.90 3.75 -12.86
CA ALA E 127 -20.94 4.29 -13.81
C ALA E 127 -20.26 3.18 -14.59
N THR E 128 -20.19 3.34 -15.90
CA THR E 128 -19.58 2.37 -16.80
C THR E 128 -18.42 3.01 -17.53
N GLY E 129 -17.65 2.19 -18.23
CA GLY E 129 -16.50 2.68 -18.97
C GLY E 129 -15.68 1.54 -19.50
N LYS E 130 -14.71 1.90 -20.35
CA LYS E 130 -13.75 0.96 -20.91
C LYS E 130 -12.40 1.64 -20.99
N MET E 131 -11.35 0.95 -20.54
CA MET E 131 -10.01 1.53 -20.53
C MET E 131 -9.01 0.53 -21.08
N LEU E 132 -7.94 1.06 -21.67
CA LEU E 132 -6.91 0.27 -22.33
C LEU E 132 -5.61 0.36 -21.53
N ILE E 133 -5.07 -0.78 -21.15
CA ILE E 133 -3.84 -0.85 -20.36
C ILE E 133 -2.80 -1.56 -21.19
N ALA E 134 -1.71 -0.87 -21.52
CA ALA E 134 -0.71 -1.41 -22.43
C ALA E 134 0.67 -1.42 -21.79
N TYR E 135 1.50 -2.36 -22.24
CA TYR E 135 2.88 -2.51 -21.78
C TYR E 135 3.80 -2.47 -22.99
N THR E 136 4.80 -1.62 -22.94
CA THR E 136 5.68 -1.38 -24.06
C THR E 136 7.10 -1.86 -23.75
N PRO E 137 7.67 -2.74 -24.56
CA PRO E 137 9.06 -3.18 -24.36
C PRO E 137 10.04 -2.03 -24.57
N PRO E 138 11.30 -2.16 -24.11
CA PRO E 138 12.23 -1.03 -24.17
C PRO E 138 12.61 -0.64 -25.59
N GLY E 139 13.23 0.53 -25.69
CA GLY E 139 13.65 1.10 -26.94
C GLY E 139 13.05 2.46 -27.22
N GLY E 140 11.98 2.84 -26.53
CA GLY E 140 11.31 4.08 -26.79
C GLY E 140 10.88 4.77 -25.51
N ASN E 141 10.37 5.98 -25.67
CA ASN E 141 9.87 6.79 -24.58
C ASN E 141 8.37 6.53 -24.42
N VAL E 142 7.67 7.39 -23.68
CA VAL E 142 6.22 7.29 -23.57
C VAL E 142 5.59 7.54 -24.94
N PRO E 143 4.66 6.70 -25.40
CA PRO E 143 4.06 6.92 -26.72
C PRO E 143 3.21 8.17 -26.77
N ALA E 144 3.12 8.75 -27.97
CA ALA E 144 2.51 10.07 -28.11
C ALA E 144 0.99 10.02 -28.13
N ASP E 145 0.41 8.94 -28.65
CA ASP E 145 -1.04 8.86 -28.76
C ASP E 145 -1.46 7.40 -28.58
N ARG E 146 -2.76 7.15 -28.63
CA ARG E 146 -3.27 5.81 -28.37
C ARG E 146 -2.96 4.86 -29.52
N ILE E 147 -2.86 5.38 -30.75
CA ILE E 147 -2.63 4.54 -31.92
C ILE E 147 -1.21 4.00 -31.98
N THR E 148 -0.30 4.53 -31.16
CA THR E 148 1.06 4.03 -31.09
C THR E 148 1.23 3.02 -29.96
N ALA E 149 0.61 3.28 -28.82
CA ALA E 149 0.78 2.44 -27.64
C ALA E 149 0.06 1.11 -27.73
N MET E 150 -0.83 0.91 -28.70
CA MET E 150 -1.54 -0.36 -28.77
C MET E 150 -0.78 -1.45 -29.50
N LEU E 151 0.45 -1.20 -29.92
CA LEU E 151 1.23 -2.26 -30.55
C LEU E 151 1.93 -3.15 -29.55
N GLY E 152 1.99 -2.75 -28.27
CA GLY E 152 2.59 -3.58 -27.26
C GLY E 152 1.62 -4.62 -26.75
N THR E 153 2.01 -5.28 -25.66
CA THR E 153 1.16 -6.26 -25.00
C THR E 153 0.12 -5.52 -24.18
N HIS E 154 -1.14 -5.59 -24.61
CA HIS E 154 -2.18 -4.80 -23.99
C HIS E 154 -3.40 -5.66 -23.67
N VAL E 155 -4.31 -5.07 -22.89
CA VAL E 155 -5.57 -5.69 -22.49
C VAL E 155 -6.62 -4.59 -22.42
N ILE E 156 -7.87 -4.93 -22.70
CA ILE E 156 -8.98 -3.98 -22.68
C ILE E 156 -9.93 -4.40 -21.56
N TRP E 157 -10.20 -3.47 -20.64
CA TRP E 157 -10.89 -3.77 -19.41
C TRP E 157 -12.13 -2.89 -19.29
N ASP E 158 -13.26 -3.48 -18.96
CA ASP E 158 -14.50 -2.75 -18.75
C ASP E 158 -15.02 -3.03 -17.34
N PHE E 159 -15.73 -2.04 -16.81
CA PHE E 159 -16.20 -2.08 -15.44
C PHE E 159 -17.57 -2.75 -15.38
N GLY E 160 -17.69 -3.78 -14.56
CA GLY E 160 -18.94 -4.50 -14.44
C GLY E 160 -19.16 -5.06 -13.05
N LEU E 161 -19.57 -6.33 -12.96
CA LEU E 161 -19.73 -6.95 -11.64
C LEU E 161 -18.39 -7.32 -11.04
N GLN E 162 -17.51 -7.96 -11.82
CA GLN E 162 -16.13 -8.17 -11.39
C GLN E 162 -15.36 -6.88 -11.62
N SER E 163 -14.84 -6.30 -10.55
CA SER E 163 -14.26 -4.97 -10.63
C SER E 163 -12.76 -4.97 -10.93
N SER E 164 -12.12 -6.13 -10.96
CA SER E 164 -10.67 -6.16 -11.09
C SER E 164 -10.24 -6.78 -12.41
N VAL E 165 -9.00 -6.49 -12.80
CA VAL E 165 -8.39 -7.04 -14.00
C VAL E 165 -6.92 -7.24 -13.71
N THR E 166 -6.26 -8.10 -14.49
CA THR E 166 -4.86 -8.43 -14.25
C THR E 166 -4.08 -8.30 -15.54
N LEU E 167 -3.08 -7.43 -15.54
CA LEU E 167 -2.12 -7.34 -16.62
C LEU E 167 -0.83 -8.04 -16.19
N VAL E 168 -0.46 -9.06 -16.92
CA VAL E 168 0.84 -9.70 -16.69
C VAL E 168 1.90 -8.95 -17.48
N VAL E 169 3.06 -8.79 -16.89
CA VAL E 169 4.20 -8.16 -17.54
C VAL E 169 5.17 -9.28 -17.87
N PRO E 170 5.11 -9.84 -19.08
CA PRO E 170 5.85 -11.07 -19.37
C PRO E 170 7.35 -10.83 -19.44
N TRP E 171 8.11 -11.87 -19.13
CA TRP E 171 9.56 -11.79 -19.05
C TRP E 171 10.11 -11.74 -20.47
N ILE E 172 10.40 -10.54 -20.93
CA ILE E 172 11.01 -10.32 -22.23
C ILE E 172 12.38 -9.68 -21.97
N SER E 173 13.43 -10.46 -22.10
CA SER E 173 14.76 -9.93 -21.85
C SER E 173 15.77 -10.68 -22.70
N ASN E 174 16.94 -10.07 -22.86
CA ASN E 174 18.05 -10.73 -23.54
C ASN E 174 18.87 -11.59 -22.60
N THR E 175 19.09 -11.12 -21.38
CA THR E 175 19.85 -11.86 -20.38
C THR E 175 18.91 -12.70 -19.51
N HIS E 176 19.50 -13.67 -18.81
CA HIS E 176 18.71 -14.53 -17.93
C HIS E 176 18.28 -13.80 -16.68
N TYR E 177 19.10 -12.87 -16.19
CA TYR E 177 18.80 -12.10 -14.99
C TYR E 177 18.92 -10.62 -15.32
N ARG E 178 18.52 -9.78 -14.38
CA ARG E 178 18.54 -8.34 -14.57
C ARG E 178 19.01 -7.66 -13.30
N ALA E 179 20.08 -6.89 -13.40
CA ALA E 179 20.46 -6.03 -12.28
C ALA E 179 19.52 -4.84 -12.21
N HIS E 180 19.63 -4.08 -11.13
CA HIS E 180 18.69 -3.00 -10.89
C HIS E 180 18.99 -1.82 -11.81
N ALA E 181 17.96 -1.37 -12.51
CA ALA E 181 18.11 -0.28 -13.46
C ALA E 181 18.37 1.03 -12.75
N ARG E 182 19.05 1.93 -13.46
CA ARG E 182 19.60 3.15 -12.88
C ARG E 182 20.01 4.05 -14.03
N ALA E 183 20.08 5.35 -13.76
CA ALA E 183 20.48 6.29 -14.79
C ALA E 183 21.99 6.18 -15.04
N GLY E 184 22.36 5.94 -16.30
CA GLY E 184 23.75 5.80 -16.64
C GLY E 184 24.01 4.57 -17.49
N TYR E 185 25.02 3.78 -17.12
CA TYR E 185 25.28 2.54 -17.85
C TYR E 185 24.23 1.49 -17.54
N PHE E 186 23.56 1.58 -16.40
CA PHE E 186 22.62 0.58 -15.95
C PHE E 186 21.21 0.79 -16.49
N ASP E 187 21.04 1.66 -17.48
CA ASP E 187 19.80 1.72 -18.24
C ASP E 187 19.73 0.63 -19.29
N TYR E 188 20.78 -0.18 -19.41
CA TYR E 188 20.77 -1.35 -20.27
C TYR E 188 19.82 -2.42 -19.73
N TYR E 189 19.53 -2.40 -18.43
CA TYR E 189 18.63 -3.35 -17.80
C TYR E 189 17.22 -2.80 -17.59
N THR E 190 16.80 -1.85 -18.42
CA THR E 190 15.46 -1.29 -18.24
C THR E 190 14.41 -2.28 -18.71
N THR E 191 13.19 -2.11 -18.22
CA THR E 191 12.15 -3.11 -18.42
C THR E 191 11.06 -2.64 -19.37
N GLY E 192 10.55 -1.44 -19.20
CA GLY E 192 9.53 -0.93 -20.09
C GLY E 192 8.64 0.07 -19.39
N ILE E 193 7.59 0.47 -20.09
CA ILE E 193 6.70 1.54 -19.67
C ILE E 193 5.27 1.01 -19.70
N ILE E 194 4.54 1.21 -18.61
CA ILE E 194 3.12 0.85 -18.52
C ILE E 194 2.31 2.13 -18.56
N THR E 195 1.48 2.29 -19.58
CA THR E 195 0.58 3.42 -19.72
C THR E 195 -0.84 2.92 -19.84
N ILE E 196 -1.79 3.63 -19.23
CA ILE E 196 -3.20 3.30 -19.40
C ILE E 196 -3.87 4.45 -20.13
N TRP E 197 -4.90 4.12 -20.91
CA TRP E 197 -5.54 5.06 -21.82
C TRP E 197 -7.06 5.01 -21.64
N TYR E 198 -7.75 5.77 -22.47
CA TYR E 198 -9.21 5.78 -22.50
C TYR E 198 -9.66 5.09 -23.78
N GLN E 199 -10.32 3.95 -23.65
CA GLN E 199 -10.93 3.32 -24.81
C GLN E 199 -12.20 4.06 -25.21
N THR E 200 -13.17 4.08 -24.31
CA THR E 200 -14.36 4.92 -24.42
C THR E 200 -14.36 5.89 -23.25
N ASN E 201 -15.45 6.62 -23.08
CA ASN E 201 -15.53 7.62 -22.03
C ASN E 201 -15.98 6.99 -20.73
N TYR E 202 -16.10 7.82 -19.70
CA TYR E 202 -16.60 7.42 -18.39
C TYR E 202 -18.01 7.99 -18.26
N VAL E 203 -19.01 7.15 -18.51
CA VAL E 203 -20.39 7.60 -18.66
C VAL E 203 -21.10 7.44 -17.32
N VAL E 204 -21.78 8.49 -16.88
CA VAL E 204 -22.44 8.50 -15.58
C VAL E 204 -23.83 9.10 -15.75
N PRO E 205 -24.86 8.63 -15.02
CA PRO E 205 -26.19 9.23 -15.15
C PRO E 205 -26.40 10.46 -14.29
N ILE E 206 -27.63 10.96 -14.23
CA ILE E 206 -27.97 12.14 -13.44
C ILE E 206 -28.09 11.72 -11.98
N GLY E 207 -27.33 12.37 -11.11
CA GLY E 207 -27.39 12.10 -9.70
C GLY E 207 -26.33 11.15 -9.17
N ALA E 208 -25.17 11.11 -9.81
CA ALA E 208 -24.06 10.27 -9.39
C ALA E 208 -22.78 11.06 -9.61
N PRO E 209 -21.76 10.86 -8.78
CA PRO E 209 -20.56 11.68 -8.89
C PRO E 209 -19.75 11.35 -10.14
N THR E 210 -19.13 12.38 -10.71
CA THR E 210 -18.45 12.27 -11.99
C THR E 210 -16.96 12.13 -11.88
N THR E 211 -16.45 11.62 -10.76
CA THR E 211 -15.02 11.35 -10.59
C THR E 211 -14.85 10.13 -9.71
N ALA E 212 -14.21 9.10 -10.24
CA ALA E 212 -13.97 7.87 -9.52
C ALA E 212 -12.48 7.61 -9.45
N TYR E 213 -12.08 6.76 -8.51
CA TYR E 213 -10.67 6.50 -8.26
C TYR E 213 -10.35 5.04 -8.58
N ILE E 214 -9.07 4.77 -8.81
CA ILE E 214 -8.59 3.44 -9.15
C ILE E 214 -7.39 3.12 -8.25
N VAL E 215 -7.43 1.96 -7.60
CA VAL E 215 -6.31 1.46 -6.81
C VAL E 215 -5.55 0.43 -7.64
N ALA E 216 -4.22 0.43 -7.54
CA ALA E 216 -3.37 -0.45 -8.31
C ALA E 216 -2.55 -1.34 -7.38
N LEU E 217 -2.62 -2.64 -7.58
CA LEU E 217 -1.90 -3.62 -6.78
C LEU E 217 -0.84 -4.30 -7.63
N ALA E 218 0.13 -4.93 -6.98
CA ALA E 218 1.25 -5.52 -7.72
C ALA E 218 1.86 -6.66 -6.94
N ALA E 219 2.22 -7.74 -7.65
CA ALA E 219 2.78 -8.93 -7.03
C ALA E 219 3.75 -9.57 -8.03
N ALA E 220 4.10 -10.83 -7.78
CA ALA E 220 4.99 -11.58 -8.65
C ALA E 220 4.37 -12.92 -9.03
N GLN E 221 4.89 -13.52 -10.09
CA GLN E 221 4.37 -14.76 -10.63
C GLN E 221 5.09 -15.96 -10.02
N ASP E 222 4.90 -17.12 -10.63
CA ASP E 222 5.49 -18.35 -10.11
C ASP E 222 6.99 -18.43 -10.42
N ASN E 223 7.42 -17.94 -11.58
CA ASN E 223 8.81 -18.09 -12.00
C ASN E 223 9.70 -16.95 -11.53
N PHE E 224 9.36 -16.28 -10.43
CA PHE E 224 10.14 -15.17 -9.92
C PHE E 224 11.22 -15.67 -8.96
N THR E 225 12.48 -15.41 -9.30
CA THR E 225 13.61 -15.75 -8.43
C THR E 225 14.50 -14.53 -8.25
N MET E 226 15.34 -14.58 -7.22
CA MET E 226 16.31 -13.53 -6.91
C MET E 226 17.59 -14.18 -6.43
N LYS E 227 18.71 -13.48 -6.59
CA LYS E 227 19.98 -13.94 -6.05
C LYS E 227 20.91 -12.76 -5.78
N LEU E 228 22.07 -13.09 -5.21
CA LEU E 228 23.14 -12.15 -4.83
C LEU E 228 22.64 -11.12 -3.81
N CYS E 229 22.42 -11.62 -2.59
CA CYS E 229 22.03 -10.78 -1.46
C CYS E 229 23.05 -9.70 -1.17
N LYS E 230 22.56 -8.48 -0.90
CA LYS E 230 23.40 -7.32 -0.67
C LYS E 230 22.78 -6.47 0.43
N ASP E 231 23.32 -5.27 0.63
CA ASP E 231 22.77 -4.34 1.59
C ASP E 231 21.71 -3.46 0.92
N THR E 232 20.87 -2.86 1.75
CA THR E 232 19.76 -2.05 1.27
C THR E 232 20.06 -0.57 1.40
N GLU E 233 19.35 0.22 0.61
CA GLU E 233 19.52 1.68 0.59
C GLU E 233 18.42 2.44 1.29
N ASP E 234 17.45 1.76 1.90
CA ASP E 234 16.25 2.44 2.37
C ASP E 234 16.32 2.78 3.86
N ILE E 235 17.34 2.35 4.57
CA ILE E 235 17.49 2.69 5.98
C ILE E 235 18.80 3.44 6.18
N GLU E 236 18.76 4.49 6.98
CA GLU E 236 19.93 5.31 7.27
C GLU E 236 20.05 5.50 8.77
N GLN E 237 21.28 5.70 9.25
CA GLN E 237 21.57 5.97 10.65
C GLN E 237 22.59 7.11 10.70
N THR E 238 22.09 8.34 10.79
CA THR E 238 22.97 9.50 10.84
C THR E 238 23.57 9.68 12.23
N ALA E 239 22.73 9.77 13.25
CA ALA E 239 23.14 9.77 14.64
C ALA E 239 22.77 8.44 15.28
N ASN E 240 23.29 8.20 16.48
CA ASN E 240 23.08 6.93 17.14
C ASN E 240 21.64 6.79 17.65
N ILE E 241 21.15 5.55 17.69
CA ILE E 241 19.81 5.29 18.21
C ILE E 241 19.82 5.44 19.72
N GLN E 242 18.83 6.18 20.24
CA GLN E 242 18.59 6.47 21.65
C GLN E 242 19.72 7.28 22.28
N SER F 12 22.62 -43.20 22.45
CA SER F 12 23.84 -43.56 21.74
C SER F 12 24.46 -42.34 21.06
N HIS F 13 23.60 -41.40 20.68
CA HIS F 13 24.04 -40.16 20.05
C HIS F 13 24.44 -39.16 21.14
N GLU F 14 24.62 -37.91 20.75
CA GLU F 14 25.24 -36.91 21.63
C GLU F 14 24.36 -35.66 21.74
N ASN F 15 23.39 -35.73 22.67
CA ASN F 15 22.80 -34.58 23.36
C ASN F 15 22.14 -33.59 22.40
N SER F 16 21.05 -34.05 21.79
CA SER F 16 20.35 -33.25 20.78
C SER F 16 19.59 -32.10 21.44
N ASN F 17 20.21 -30.92 21.50
CA ASN F 17 19.55 -29.71 22.00
C ASN F 17 19.77 -28.59 20.99
N SER F 18 18.92 -28.55 19.96
CA SER F 18 19.04 -27.54 18.93
C SER F 18 17.77 -26.70 18.90
N ALA F 19 17.84 -25.56 18.22
CA ALA F 19 16.64 -24.73 18.07
C ALA F 19 15.77 -25.18 16.92
N SER F 20 16.22 -26.18 16.15
CA SER F 20 15.46 -26.73 15.04
C SER F 20 15.51 -28.24 15.16
N GLU F 21 14.56 -28.81 15.90
CA GLU F 21 14.44 -30.26 16.10
C GLU F 21 13.26 -30.85 15.37
N GLY F 22 12.06 -30.28 15.54
CA GLY F 22 10.87 -30.89 14.97
C GLY F 22 10.79 -30.76 13.46
N SER F 23 11.06 -29.57 12.94
CA SER F 23 11.10 -29.33 11.51
C SER F 23 12.51 -28.85 11.17
N THR F 24 13.37 -29.79 10.79
CA THR F 24 14.77 -29.49 10.50
C THR F 24 14.90 -28.88 9.11
N ILE F 25 16.13 -28.55 8.74
CA ILE F 25 16.45 -27.97 7.45
C ILE F 25 17.13 -28.97 6.52
N ASN F 26 17.99 -29.84 7.06
CA ASN F 26 18.56 -30.98 6.36
C ASN F 26 19.15 -31.92 7.39
N TYR F 27 19.87 -32.93 6.91
CA TYR F 27 20.49 -33.90 7.81
C TYR F 27 21.99 -33.67 7.98
N THR F 28 22.65 -33.18 6.93
CA THR F 28 24.11 -33.11 6.92
C THR F 28 24.59 -31.77 7.44
N THR F 29 24.99 -31.73 8.70
CA THR F 29 25.72 -30.61 9.29
C THR F 29 26.87 -31.19 10.10
N ILE F 30 28.02 -30.54 10.07
CA ILE F 30 29.19 -31.03 10.78
C ILE F 30 29.17 -30.53 12.22
N ASN F 31 29.79 -31.30 13.11
CA ASN F 31 29.78 -31.00 14.53
C ASN F 31 30.94 -31.74 15.20
N TYR F 32 31.61 -31.07 16.12
CA TYR F 32 32.75 -31.65 16.82
C TYR F 32 32.56 -31.76 18.33
N TYR F 33 31.57 -31.09 18.90
CA TYR F 33 31.33 -31.11 20.33
C TYR F 33 30.11 -31.98 20.63
N LYS F 34 29.81 -32.13 21.91
CA LYS F 34 28.68 -32.97 22.30
C LYS F 34 27.36 -32.20 22.30
N ASP F 35 27.40 -30.88 22.22
CA ASP F 35 26.17 -30.08 22.17
C ASP F 35 25.76 -29.84 20.74
N ALA F 36 24.48 -30.09 20.44
CA ALA F 36 24.03 -30.03 19.06
C ALA F 36 23.78 -28.61 18.58
N TYR F 37 23.74 -27.63 19.46
CA TYR F 37 23.53 -26.25 19.02
C TYR F 37 24.81 -25.57 18.58
N ALA F 38 25.95 -26.24 18.71
CA ALA F 38 27.23 -25.70 18.29
C ALA F 38 27.58 -26.07 16.86
N ALA F 39 26.69 -26.77 16.15
CA ALA F 39 27.00 -27.28 14.83
C ALA F 39 26.96 -26.16 13.79
N SER F 40 27.24 -26.52 12.55
CA SER F 40 27.25 -25.55 11.46
C SER F 40 25.82 -25.35 10.96
N ALA F 41 25.67 -24.60 9.87
CA ALA F 41 24.35 -24.30 9.36
C ALA F 41 23.84 -25.37 8.39
N GLY F 42 24.71 -25.88 7.53
CA GLY F 42 24.27 -26.83 6.52
C GLY F 42 23.56 -26.12 5.39
N ARG F 43 23.01 -26.92 4.49
CA ARG F 43 22.23 -26.41 3.37
C ARG F 43 20.74 -26.56 3.67
N GLN F 44 19.96 -25.56 3.25
CA GLN F 44 18.55 -25.50 3.62
C GLN F 44 17.68 -26.23 2.60
N ASP F 45 16.50 -26.63 3.05
CA ASP F 45 15.56 -27.30 2.19
C ASP F 45 14.80 -26.29 1.34
N MET F 46 14.20 -26.78 0.26
CA MET F 46 13.51 -25.93 -0.70
C MET F 46 11.99 -26.11 -0.64
N SER F 47 11.46 -26.41 0.53
CA SER F 47 10.01 -26.56 0.69
C SER F 47 9.37 -25.22 0.97
N GLN F 48 8.19 -25.00 0.39
CA GLN F 48 7.47 -23.75 0.59
C GLN F 48 5.98 -24.00 0.41
N ASP F 49 5.19 -23.34 1.25
CA ASP F 49 3.74 -23.44 1.24
C ASP F 49 3.18 -22.07 0.88
N PRO F 50 3.01 -21.77 -0.41
CA PRO F 50 2.59 -20.43 -0.80
C PRO F 50 1.08 -20.20 -0.71
N LYS F 51 0.30 -21.24 -0.45
CA LYS F 51 -1.15 -21.11 -0.56
C LYS F 51 -1.76 -20.40 0.65
N LYS F 52 -1.17 -20.57 1.83
CA LYS F 52 -1.79 -20.03 3.03
C LYS F 52 -1.60 -18.53 3.20
N PHE F 53 -0.75 -17.91 2.39
CA PHE F 53 -0.66 -16.45 2.33
C PHE F 53 -1.35 -15.88 1.11
N THR F 54 -1.37 -16.63 0.01
CA THR F 54 -1.90 -16.10 -1.23
C THR F 54 -3.43 -16.22 -1.29
N ASP F 55 -3.96 -17.45 -1.20
CA ASP F 55 -5.39 -17.70 -1.31
C ASP F 55 -5.94 -18.40 -0.07
N PRO F 56 -6.05 -17.70 1.07
CA PRO F 56 -6.83 -18.27 2.17
C PRO F 56 -8.31 -17.93 2.06
N VAL F 57 -9.14 -18.89 1.65
CA VAL F 57 -10.57 -18.66 1.47
C VAL F 57 -11.33 -19.92 1.87
N MET F 58 -12.60 -19.73 2.22
CA MET F 58 -13.46 -20.85 2.57
C MET F 58 -13.77 -21.70 1.35
N ASP F 59 -14.50 -21.13 0.39
CA ASP F 59 -14.80 -21.82 -0.86
C ASP F 59 -13.64 -21.60 -1.83
N VAL F 60 -13.16 -22.68 -2.42
CA VAL F 60 -12.02 -22.60 -3.33
C VAL F 60 -12.48 -21.96 -4.64
N ILE F 61 -11.61 -21.15 -5.21
CA ILE F 61 -11.91 -20.46 -6.46
C ILE F 61 -11.06 -21.07 -7.57
N HIS F 62 -11.64 -21.12 -8.77
CA HIS F 62 -10.95 -21.59 -9.96
C HIS F 62 -10.61 -20.39 -10.84
N GLU F 63 -9.54 -20.54 -11.62
CA GLU F 63 -9.07 -19.42 -12.43
C GLU F 63 -9.94 -19.16 -13.65
N MET F 64 -10.62 -20.17 -14.17
CA MET F 64 -11.44 -19.97 -15.36
C MET F 64 -12.84 -19.51 -15.01
N ALA F 65 -13.33 -19.86 -13.83
CA ALA F 65 -14.65 -19.42 -13.41
C ALA F 65 -14.62 -17.95 -12.99
N PRO F 66 -15.74 -17.25 -13.10
CA PRO F 66 -15.83 -15.91 -12.52
C PRO F 66 -15.79 -15.97 -11.01
N PRO F 67 -14.97 -15.12 -10.37
CA PRO F 67 -14.76 -15.26 -8.92
C PRO F 67 -15.92 -14.76 -8.07
N LEU F 68 -16.96 -14.19 -8.67
CA LEU F 68 -18.12 -13.72 -7.93
C LEU F 68 -19.41 -14.43 -8.34
N LYS F 69 -19.29 -15.57 -9.02
CA LYS F 69 -20.46 -16.36 -9.36
C LYS F 69 -20.99 -17.07 -8.13
C1 SPH G . 15.67 -6.93 22.99
O1 SPH G . 14.45 -6.56 22.39
C2 SPH G . 15.94 -8.41 22.70
N2 SPH G . 14.83 -8.91 21.92
C3 SPH G . 17.25 -8.58 21.93
O3 SPH G . 18.12 -7.54 22.32
C4 SPH G . 17.90 -9.90 22.24
C5 SPH G . 17.15 -11.13 22.53
C6 SPH G . 17.89 -12.40 22.83
C7 SPH G . 19.11 -12.54 21.91
C8 SPH G . 20.03 -13.66 22.36
C9 SPH G . 20.65 -13.39 23.71
C10 SPH G . 22.06 -13.96 23.83
C11 SPH G . 22.66 -13.69 25.20
C12 SPH G . 24.11 -14.13 25.29
C13 SPH G . 25.04 -13.07 24.72
C14 SPH G . 26.30 -12.87 25.55
C15 SPH G . 27.25 -14.07 25.48
C16 SPH G . 28.54 -13.77 26.23
C17 SPH G . 29.53 -14.93 26.11
C18 SPH G . 30.73 -14.72 27.02
#